data_2ZE8
#
_entry.id   2ZE8
#
_cell.length_a   97.510
_cell.length_b   97.568
_cell.length_c   131.108
_cell.angle_alpha   90.00
_cell.angle_beta   90.00
_cell.angle_gamma   90.00
#
_symmetry.space_group_name_H-M   'P 21 21 2'
#
loop_
_entity.id
_entity.type
_entity.pdbx_description
1 polymer 'Isopentenyl transferase'
2 non-polymer 'PYROPHOSPHATE 2-'
#
_entity_poly.entity_id   1
_entity_poly.type   'polypeptide(L)'
_entity_poly.pdbx_seq_one_letter_code
;MLLHLIYGPTCSGKTDMAIQIAQETGWPVVALDRVQCCPQIATGSGRPLESELQSTRRIYLDSRPLTEGILDAESAHRRL
IFEVDWRKSEEGLILEGGSISLLNCMAKSPFWRSGFQWHVKRLRLGDSDAFLTRAKQRVAEMFAIREDRPSLLEELAELW
NYPAARPILEDIDGYRCAIRFARKHDLAISQLPNIDAGRHVELIEAIANEYLEHALSQERDFPQWPEDGAGQPVCPVTLT
RIRGSRSHHHHHH
;
_entity_poly.pdbx_strand_id   A,B,C,D
#
# COMPACT_ATOMS: atom_id res chain seq x y z
N MET A 1 8.56 30.11 22.29
CA MET A 1 9.75 29.97 21.42
C MET A 1 9.30 29.55 20.04
N LEU A 2 9.87 30.27 19.06
CA LEU A 2 9.72 30.13 17.64
C LEU A 2 10.53 29.06 16.89
N LEU A 3 9.84 28.30 16.05
CA LEU A 3 10.53 27.35 15.20
C LEU A 3 10.40 27.87 13.81
N HIS A 4 11.42 28.50 13.28
CA HIS A 4 11.37 28.86 11.85
C HIS A 4 11.76 27.60 11.06
N LEU A 5 10.84 27.05 10.30
CA LEU A 5 11.21 25.74 9.77
C LEU A 5 11.34 25.89 8.29
N ILE A 6 12.31 25.29 7.73
CA ILE A 6 12.55 25.48 6.32
C ILE A 6 12.80 24.07 5.79
N TYR A 7 12.03 23.63 4.82
CA TYR A 7 12.42 22.37 4.24
C TYR A 7 12.03 22.35 2.85
N GLY A 8 12.49 21.31 2.18
CA GLY A 8 12.28 21.15 0.73
C GLY A 8 13.31 20.27 0.01
N PRO A 9 13.21 20.20 -1.33
CA PRO A 9 14.15 19.37 -2.03
C PRO A 9 15.64 19.80 -2.00
N THR A 10 16.42 18.86 -2.51
CA THR A 10 17.83 18.90 -2.37
C THR A 10 18.56 20.15 -2.93
N CYS A 11 18.06 20.99 -3.86
CA CYS A 11 18.87 22.25 -3.94
C CYS A 11 18.08 23.47 -4.10
N SER A 12 17.51 23.88 -3.01
CA SER A 12 16.57 24.93 -3.15
C SER A 12 17.18 26.12 -2.46
N GLY A 13 18.50 26.07 -2.13
CA GLY A 13 19.19 27.11 -1.31
C GLY A 13 18.58 27.23 0.09
N LYS A 14 18.17 26.10 0.68
CA LYS A 14 17.66 26.16 2.02
C LYS A 14 18.77 26.75 2.87
N THR A 15 19.86 25.99 3.04
CA THR A 15 20.97 26.42 3.86
C THR A 15 21.21 27.94 3.82
N ASP A 16 21.46 28.52 2.64
CA ASP A 16 21.80 29.95 2.61
C ASP A 16 20.66 30.77 3.22
N MET A 17 19.43 30.31 3.01
CA MET A 17 18.34 31.03 3.63
C MET A 17 18.66 31.00 5.07
N ALA A 18 18.79 29.79 5.65
CA ALA A 18 18.96 29.65 7.09
C ALA A 18 20.11 30.52 7.55
N ILE A 19 21.21 30.46 6.84
CA ILE A 19 22.33 31.30 7.21
C ILE A 19 21.92 32.79 7.38
N GLN A 20 21.09 33.25 6.49
CA GLN A 20 20.62 34.64 6.54
C GLN A 20 19.79 34.85 7.81
N ILE A 21 18.76 34.08 7.95
CA ILE A 21 17.91 34.28 9.07
C ILE A 21 18.75 34.15 10.34
N ALA A 22 19.67 33.20 10.33
CA ALA A 22 20.60 32.98 11.44
C ALA A 22 21.47 34.21 11.63
N GLN A 23 22.03 34.77 10.60
CA GLN A 23 22.70 35.98 10.79
C GLN A 23 21.84 37.09 11.40
N GLU A 24 20.60 37.29 10.97
CA GLU A 24 20.00 38.57 11.29
C GLU A 24 19.60 38.53 12.75
N THR A 25 19.40 37.28 13.12
CA THR A 25 18.66 36.81 14.29
C THR A 25 19.51 36.32 15.49
N GLY A 26 20.73 35.84 15.18
CA GLY A 26 21.67 35.23 16.07
C GLY A 26 21.25 33.83 16.50
N TRP A 27 20.23 33.26 15.91
CA TRP A 27 19.88 31.86 16.24
C TRP A 27 20.84 30.79 15.60
N PRO A 28 20.95 29.67 16.24
CA PRO A 28 21.51 28.49 15.65
C PRO A 28 20.52 27.90 14.61
N VAL A 29 21.03 27.38 13.52
CA VAL A 29 20.18 26.55 12.68
C VAL A 29 20.39 25.07 13.01
N VAL A 30 19.47 24.29 13.56
CA VAL A 30 19.67 22.84 13.56
C VAL A 30 19.46 22.22 12.17
N ALA A 31 20.31 21.29 11.76
CA ALA A 31 20.20 20.62 10.43
C ALA A 31 19.33 19.34 10.39
N LEU A 32 18.29 19.38 9.60
CA LEU A 32 17.35 18.29 9.57
C LEU A 32 17.87 17.18 8.63
N ASP A 33 19.00 16.64 8.96
CA ASP A 33 19.62 15.82 7.95
C ASP A 33 20.43 14.71 8.50
N ARG A 34 19.88 13.49 8.58
CA ARG A 34 20.70 12.32 8.87
C ARG A 34 22.07 12.36 8.19
N VAL A 35 22.16 12.32 6.86
CA VAL A 35 23.46 11.95 6.24
C VAL A 35 24.53 12.92 6.67
N GLN A 36 24.12 14.17 6.90
CA GLN A 36 25.14 15.24 7.05
C GLN A 36 25.82 15.12 8.42
N CYS A 37 25.35 14.14 9.27
CA CYS A 37 25.84 13.90 10.58
C CYS A 37 27.17 13.10 10.52
N CYS A 38 27.74 12.99 9.31
CA CYS A 38 28.94 12.19 9.12
C CYS A 38 29.96 13.11 8.52
N PRO A 39 30.79 13.66 9.40
CA PRO A 39 31.61 14.73 8.96
C PRO A 39 32.66 14.17 8.05
N GLN A 40 32.88 12.85 8.10
CA GLN A 40 33.83 12.37 7.05
C GLN A 40 33.31 12.44 5.64
N ILE A 41 32.04 12.76 5.47
CA ILE A 41 31.57 13.17 4.16
C ILE A 41 30.90 14.54 4.22
N ALA A 42 31.54 15.44 4.99
CA ALA A 42 31.17 16.83 5.03
C ALA A 42 30.72 17.28 3.66
N THR A 43 31.70 17.40 2.84
CA THR A 43 31.45 18.06 1.58
C THR A 43 30.36 17.34 0.77
N GLY A 44 30.49 16.01 0.72
CA GLY A 44 29.67 15.29 -0.22
C GLY A 44 28.27 15.33 0.33
N SER A 45 28.12 15.25 1.65
CA SER A 45 26.76 15.26 2.17
C SER A 45 26.15 16.69 2.13
N GLY A 46 26.92 17.72 1.73
CA GLY A 46 26.40 19.06 1.52
C GLY A 46 26.47 19.99 2.69
N ARG A 47 27.42 19.77 3.66
CA ARG A 47 27.63 20.65 4.84
C ARG A 47 28.19 21.83 4.16
N PRO A 48 27.87 23.06 4.60
CA PRO A 48 28.45 24.27 4.08
C PRO A 48 29.85 24.42 4.50
N LEU A 49 30.62 25.27 3.84
CA LEU A 49 31.92 25.55 4.36
C LEU A 49 31.74 26.35 5.60
N GLU A 50 32.81 26.37 6.38
CA GLU A 50 32.81 27.10 7.62
C GLU A 50 32.83 28.60 7.31
N SER A 51 33.67 29.02 6.34
CA SER A 51 33.51 30.27 5.71
C SER A 51 32.13 30.56 5.13
N GLU A 52 31.41 29.65 4.51
CA GLU A 52 29.97 30.06 4.16
C GLU A 52 28.95 30.30 5.34
N LEU A 53 29.49 30.07 6.55
CA LEU A 53 28.74 30.04 7.69
C LEU A 53 28.52 31.41 8.24
N GLN A 54 29.46 32.26 7.95
CA GLN A 54 29.24 33.62 8.37
C GLN A 54 29.25 33.74 9.86
N SER A 55 30.13 33.08 10.58
CA SER A 55 29.97 33.09 12.04
C SER A 55 28.56 32.65 12.66
N THR A 56 27.64 32.08 11.90
CA THR A 56 26.42 31.65 12.51
C THR A 56 26.72 30.28 13.12
N ARG A 57 25.80 29.74 13.90
CA ARG A 57 25.81 28.34 14.35
C ARG A 57 24.90 27.28 13.52
N ARG A 58 25.54 26.23 13.05
CA ARG A 58 24.83 25.12 12.49
C ARG A 58 24.98 23.84 13.36
N ILE A 59 23.91 23.30 13.83
CA ILE A 59 23.94 22.18 14.88
C ILE A 59 23.59 20.76 14.27
N TYR A 60 24.34 19.64 14.52
CA TYR A 60 24.02 18.38 13.85
C TYR A 60 23.48 17.36 14.84
N LEU A 61 22.50 16.61 14.40
CA LEU A 61 21.80 15.71 15.34
C LEU A 61 22.75 14.78 16.07
N ASP A 62 23.94 14.64 15.47
CA ASP A 62 25.00 13.93 16.17
C ASP A 62 26.13 13.89 15.25
N SER A 63 27.26 13.30 15.60
CA SER A 63 28.38 13.30 14.64
C SER A 63 29.05 11.99 14.78
N ARG A 64 29.19 11.25 13.70
CA ARG A 64 29.59 9.87 13.83
C ARG A 64 30.29 9.33 12.61
N PRO A 65 31.08 8.24 12.80
CA PRO A 65 31.87 7.52 11.86
C PRO A 65 30.95 7.04 10.78
N LEU A 66 31.25 7.35 9.50
CA LEU A 66 30.55 6.72 8.41
C LEU A 66 30.30 5.18 8.78
N THR A 67 31.34 4.50 9.18
CA THR A 67 31.12 3.12 9.25
C THR A 67 30.16 2.78 10.38
N GLU A 68 29.71 3.74 11.17
CA GLU A 68 28.75 3.31 12.24
C GLU A 68 27.39 3.42 11.59
N GLY A 69 27.36 3.55 10.29
CA GLY A 69 26.06 3.67 9.68
C GLY A 69 25.53 5.09 9.74
N ILE A 70 24.63 5.39 8.82
CA ILE A 70 24.05 6.72 8.74
C ILE A 70 23.00 6.71 9.85
N LEU A 71 22.81 7.80 10.54
CA LEU A 71 22.17 7.77 11.79
C LEU A 71 20.83 7.40 11.37
N ASP A 72 20.21 6.35 12.02
CA ASP A 72 18.86 5.95 11.67
C ASP A 72 17.83 6.99 12.05
N ALA A 73 16.64 6.83 11.47
CA ALA A 73 15.56 7.82 11.51
C ALA A 73 15.08 8.13 12.89
N GLU A 74 14.61 7.11 13.56
CA GLU A 74 14.14 7.25 14.91
C GLU A 74 15.00 8.04 15.84
N SER A 75 16.32 7.80 15.86
CA SER A 75 17.22 8.48 16.80
C SER A 75 17.37 9.91 16.39
N ALA A 76 17.76 10.14 15.17
CA ALA A 76 17.72 11.47 14.73
C ALA A 76 16.52 12.17 15.42
N HIS A 77 15.35 11.58 15.27
CA HIS A 77 14.16 12.21 15.86
C HIS A 77 14.16 12.46 17.37
N ARG A 78 14.71 11.52 18.11
CA ARG A 78 14.76 11.64 19.57
C ARG A 78 15.79 12.73 19.87
N ARG A 79 16.97 12.56 19.27
CA ARG A 79 17.98 13.65 19.09
C ARG A 79 17.39 15.03 18.74
N LEU A 80 16.59 15.14 17.72
CA LEU A 80 15.96 16.41 17.43
C LEU A 80 15.29 17.10 18.58
N ILE A 81 14.34 16.36 18.99
CA ILE A 81 13.61 16.62 20.23
C ILE A 81 14.41 17.17 21.31
N PHE A 82 15.48 16.48 21.67
CA PHE A 82 16.41 16.97 22.71
C PHE A 82 17.09 18.29 22.31
N GLU A 83 17.76 18.33 21.17
CA GLU A 83 18.41 19.51 20.76
C GLU A 83 17.38 20.66 20.82
N VAL A 84 16.11 20.42 20.40
CA VAL A 84 15.21 21.55 20.49
C VAL A 84 14.91 21.79 21.92
N ASP A 85 14.47 20.74 22.63
CA ASP A 85 13.99 20.81 24.02
C ASP A 85 14.83 21.53 25.00
N TRP A 86 16.09 21.15 25.23
CA TRP A 86 17.03 21.95 26.11
C TRP A 86 17.40 23.34 25.66
N ARG A 87 16.91 23.83 24.52
CA ARG A 87 17.07 25.19 24.33
C ARG A 87 15.83 26.02 24.54
N LYS A 88 14.86 25.54 25.34
CA LYS A 88 13.47 26.03 25.13
C LYS A 88 13.24 27.39 25.68
N SER A 89 14.24 27.83 26.38
CA SER A 89 14.20 29.19 26.90
C SER A 89 14.91 30.25 26.05
N GLU A 90 15.43 29.88 24.89
CA GLU A 90 15.90 30.89 23.95
C GLU A 90 14.76 31.28 23.07
N GLU A 91 15.08 32.25 22.19
CA GLU A 91 14.03 33.02 21.59
C GLU A 91 13.43 32.29 20.45
N GLY A 92 14.22 31.95 19.46
CA GLY A 92 13.71 31.03 18.47
C GLY A 92 14.81 30.08 18.12
N LEU A 93 14.45 28.95 17.51
CA LEU A 93 15.42 28.25 16.60
C LEU A 93 15.11 28.21 15.07
N ILE A 94 16.13 28.23 14.24
CA ILE A 94 15.88 27.70 12.92
C ILE A 94 15.93 26.12 12.73
N LEU A 95 15.05 25.52 11.91
CA LEU A 95 15.23 24.07 11.64
C LEU A 95 15.13 23.92 10.21
N GLU A 96 16.09 23.28 9.59
CA GLU A 96 16.29 23.47 8.15
C GLU A 96 16.80 22.11 7.71
N GLY A 97 16.23 21.57 6.63
CA GLY A 97 16.92 20.48 5.95
C GLY A 97 16.04 19.71 5.02
N GLY A 98 16.55 18.55 4.59
CA GLY A 98 15.78 17.76 3.66
C GLY A 98 15.47 16.35 3.96
N SER A 99 15.76 15.88 5.20
CA SER A 99 15.43 14.51 5.53
C SER A 99 13.92 14.20 5.49
N ILE A 100 13.49 13.38 4.52
CA ILE A 100 12.14 12.88 4.52
C ILE A 100 11.70 12.22 5.83
N SER A 101 12.46 11.20 6.27
CA SER A 101 12.05 10.44 7.47
C SER A 101 12.04 11.40 8.66
N LEU A 102 12.96 12.34 8.71
CA LEU A 102 12.89 13.22 9.86
C LEU A 102 11.57 14.12 9.91
N LEU A 103 10.94 14.37 8.77
CA LEU A 103 9.96 15.41 8.75
C LEU A 103 8.68 14.77 8.91
N ASN A 104 8.64 13.52 8.51
CA ASN A 104 7.43 12.75 8.73
C ASN A 104 7.28 12.44 10.27
N CYS A 105 8.43 12.24 10.92
CA CYS A 105 8.44 11.98 12.36
C CYS A 105 7.96 13.25 13.00
N MET A 106 8.52 14.38 12.59
CA MET A 106 7.96 15.65 13.03
C MET A 106 6.42 15.67 12.81
N ALA A 107 6.00 15.37 11.57
CA ALA A 107 4.61 15.49 11.19
C ALA A 107 3.82 14.61 12.15
N LYS A 108 4.08 13.31 12.17
CA LYS A 108 3.30 12.36 13.05
C LYS A 108 3.45 12.60 14.56
N SER A 109 4.56 13.17 15.00
CA SER A 109 4.91 13.19 16.43
C SER A 109 4.24 14.30 17.25
N PRO A 110 3.80 13.93 18.47
CA PRO A 110 3.14 14.74 19.50
C PRO A 110 3.99 15.87 20.07
N PHE A 111 5.32 15.67 20.20
CA PHE A 111 6.19 16.72 20.76
C PHE A 111 6.00 18.10 20.12
N TRP A 112 5.94 18.09 18.81
CA TRP A 112 5.92 19.32 18.04
C TRP A 112 4.56 20.02 18.07
N ARG A 113 3.49 19.24 18.26
CA ARG A 113 2.13 19.77 18.30
C ARG A 113 1.81 20.49 19.65
N SER A 114 2.42 21.66 19.85
CA SER A 114 2.25 22.45 21.09
C SER A 114 3.61 22.94 21.58
N GLY A 115 3.57 23.94 22.46
CA GLY A 115 4.79 24.51 23.03
C GLY A 115 5.49 25.58 22.22
N PHE A 116 5.24 25.68 20.92
CA PHE A 116 5.93 26.72 20.13
C PHE A 116 5.08 27.36 19.05
N GLN A 117 5.57 28.41 18.41
CA GLN A 117 4.95 28.88 17.18
C GLN A 117 5.85 28.56 16.03
N TRP A 118 5.32 28.66 14.82
CA TRP A 118 6.06 28.20 13.68
C TRP A 118 6.10 29.27 12.66
N HIS A 119 7.03 29.19 11.75
CA HIS A 119 7.01 30.03 10.56
C HIS A 119 7.53 29.04 9.56
N VAL A 120 6.65 28.23 9.04
CA VAL A 120 7.07 27.20 8.16
C VAL A 120 7.40 27.82 6.77
N LYS A 121 8.33 27.29 6.03
CA LYS A 121 8.55 27.77 4.72
C LYS A 121 8.96 26.58 3.83
N ARG A 122 8.18 26.26 2.78
CA ARG A 122 8.49 25.08 1.97
C ARG A 122 8.88 25.40 0.59
N LEU A 123 9.98 24.89 0.12
CA LEU A 123 10.35 25.16 -1.24
C LEU A 123 9.94 23.92 -2.08
N ARG A 124 9.64 24.19 -3.35
CA ARG A 124 9.23 23.14 -4.24
C ARG A 124 10.21 23.03 -5.37
N LEU A 125 10.38 21.84 -5.90
CA LEU A 125 11.20 21.66 -7.05
C LEU A 125 10.42 22.39 -8.19
N GLY A 126 11.12 23.22 -8.97
CA GLY A 126 10.52 23.99 -10.06
C GLY A 126 10.76 23.20 -11.33
N ASP A 127 11.11 23.84 -12.44
CA ASP A 127 11.46 23.02 -13.58
C ASP A 127 12.69 22.17 -13.41
N SER A 128 12.53 20.91 -13.79
CA SER A 128 13.67 20.00 -14.02
C SER A 128 14.80 20.79 -14.62
N ASP A 129 14.59 21.28 -15.83
CA ASP A 129 15.72 21.90 -16.46
C ASP A 129 16.58 22.76 -15.52
N ALA A 130 15.98 23.74 -14.83
CA ALA A 130 16.76 24.72 -14.05
C ALA A 130 17.29 24.16 -12.75
N PHE A 131 16.66 23.09 -12.25
CA PHE A 131 17.21 22.31 -11.16
C PHE A 131 18.54 21.77 -11.61
N LEU A 132 18.61 21.07 -12.75
CA LEU A 132 19.93 20.53 -13.16
C LEU A 132 20.92 21.69 -13.36
N THR A 133 20.45 22.87 -13.65
CA THR A 133 21.49 23.84 -13.83
C THR A 133 22.13 24.11 -12.48
N ARG A 134 21.28 24.25 -11.49
CA ARG A 134 21.72 24.51 -10.13
C ARG A 134 22.60 23.37 -9.68
N ALA A 135 22.11 22.13 -9.86
CA ALA A 135 22.71 20.90 -9.30
C ALA A 135 24.11 20.72 -9.81
N LYS A 136 24.22 20.83 -11.15
CA LYS A 136 25.49 20.90 -11.82
C LYS A 136 26.41 21.90 -11.17
N GLN A 137 26.01 23.17 -10.97
CA GLN A 137 26.91 24.16 -10.35
C GLN A 137 27.28 23.67 -8.93
N ARG A 138 26.27 23.22 -8.21
CA ARG A 138 26.53 22.79 -6.90
C ARG A 138 27.52 21.64 -6.89
N VAL A 139 27.44 20.72 -7.83
CA VAL A 139 28.38 19.60 -7.76
C VAL A 139 29.76 20.07 -8.11
N ALA A 140 29.80 20.98 -9.06
CA ALA A 140 31.08 21.52 -9.48
C ALA A 140 31.69 22.00 -8.20
N GLU A 141 30.87 22.58 -7.32
CA GLU A 141 31.49 23.17 -6.16
C GLU A 141 32.11 22.06 -5.40
N MET A 142 31.33 21.07 -5.09
CA MET A 142 31.82 19.97 -4.26
C MET A 142 33.06 19.29 -4.85
N PHE A 143 33.30 19.55 -6.14
CA PHE A 143 34.45 18.97 -6.86
C PHE A 143 35.63 19.91 -6.84
N ALA A 144 35.39 21.20 -6.66
CA ALA A 144 36.48 22.19 -6.47
C ALA A 144 37.59 21.68 -5.53
N ILE A 145 38.85 21.81 -5.89
CA ILE A 145 39.91 21.50 -4.92
C ILE A 145 40.17 22.69 -3.97
N ARG A 146 40.57 22.46 -2.71
CA ARG A 146 40.72 23.58 -1.78
C ARG A 146 41.57 23.25 -0.60
N GLU A 147 42.27 24.25 -0.08
CA GLU A 147 43.04 24.02 1.13
C GLU A 147 42.21 23.63 2.37
N ASP A 148 41.04 24.24 2.58
CA ASP A 148 40.27 23.97 3.77
C ASP A 148 39.70 22.54 3.67
N ARG A 149 39.03 22.23 2.56
CA ARG A 149 38.14 21.08 2.51
C ARG A 149 38.52 20.08 1.48
N PRO A 150 38.67 18.84 1.92
CA PRO A 150 38.64 17.75 0.95
C PRO A 150 37.57 17.99 -0.16
N SER A 151 37.52 17.15 -1.17
CA SER A 151 36.55 17.40 -2.18
C SER A 151 35.64 16.26 -2.08
N LEU A 152 34.64 16.20 -2.95
CA LEU A 152 33.78 15.02 -2.93
C LEU A 152 34.63 13.79 -3.25
N LEU A 153 35.49 13.86 -4.25
CA LEU A 153 36.08 12.66 -4.83
C LEU A 153 37.02 12.06 -3.78
N GLU A 154 37.71 12.99 -3.11
CA GLU A 154 38.75 12.71 -2.16
C GLU A 154 38.15 12.13 -0.92
N GLU A 155 36.91 12.51 -0.59
CA GLU A 155 36.28 12.03 0.64
C GLU A 155 36.15 10.60 0.21
N LEU A 156 35.69 10.38 -0.99
CA LEU A 156 35.42 9.00 -1.39
C LEU A 156 36.68 8.22 -1.50
N ALA A 157 37.77 8.89 -1.80
CA ALA A 157 39.03 8.22 -2.01
C ALA A 157 39.48 7.68 -0.70
N GLU A 158 40.07 8.52 0.11
CA GLU A 158 40.34 8.18 1.50
C GLU A 158 39.37 7.08 2.05
N LEU A 159 38.08 7.40 2.05
CA LEU A 159 37.14 6.58 2.74
C LEU A 159 36.99 5.18 2.08
N TRP A 160 37.59 5.01 0.91
CA TRP A 160 37.35 3.79 0.14
C TRP A 160 38.31 2.70 0.50
N ASN A 161 39.36 3.04 1.21
CA ASN A 161 40.14 2.01 1.84
C ASN A 161 39.44 1.14 2.89
N TYR A 162 38.71 1.75 3.82
CA TYR A 162 38.02 0.94 4.81
C TYR A 162 36.85 0.28 4.13
N PRO A 163 36.88 -1.06 4.06
CA PRO A 163 35.80 -1.83 3.37
C PRO A 163 34.38 -1.71 4.00
N ALA A 164 34.22 -1.63 5.34
CA ALA A 164 32.84 -1.45 5.88
C ALA A 164 32.12 -0.16 5.32
N ALA A 165 32.89 0.77 4.77
CA ALA A 165 32.37 2.03 4.17
C ALA A 165 31.62 1.80 2.88
N ARG A 166 32.03 0.74 2.17
CA ARG A 166 31.64 0.71 0.79
C ARG A 166 30.16 0.49 0.63
N PRO A 167 29.53 -0.50 1.30
CA PRO A 167 28.04 -0.50 1.14
C PRO A 167 27.35 0.79 1.65
N ILE A 168 27.85 1.45 2.69
CA ILE A 168 27.19 2.72 2.99
C ILE A 168 27.42 3.79 1.87
N LEU A 169 28.67 3.94 1.36
CA LEU A 169 28.91 4.94 0.24
C LEU A 169 28.05 4.68 -1.02
N GLU A 170 28.01 3.43 -1.47
CA GLU A 170 26.98 2.97 -2.38
C GLU A 170 25.53 3.34 -1.99
N ASP A 171 25.22 3.84 -0.79
CA ASP A 171 23.80 4.01 -0.52
C ASP A 171 23.36 5.44 -0.54
N ILE A 172 24.33 6.29 -0.26
CA ILE A 172 24.19 7.72 -0.10
C ILE A 172 24.23 8.40 -1.43
N ASP A 173 23.38 9.45 -1.69
CA ASP A 173 23.31 10.03 -3.04
C ASP A 173 24.75 10.51 -3.43
N GLY A 174 24.90 11.22 -4.55
CA GLY A 174 26.24 11.52 -5.11
C GLY A 174 27.36 10.48 -5.07
N TYR A 175 27.44 9.71 -4.02
CA TYR A 175 28.58 8.80 -3.97
C TYR A 175 28.34 7.62 -4.90
N ARG A 176 27.10 7.13 -4.92
CA ARG A 176 26.57 5.97 -5.60
C ARG A 176 27.00 6.22 -6.93
N CYS A 177 26.63 7.38 -7.36
CA CYS A 177 26.95 7.78 -8.71
C CYS A 177 28.44 7.70 -9.04
N ALA A 178 29.25 8.23 -8.14
CA ALA A 178 30.65 8.27 -8.35
C ALA A 178 31.31 6.84 -8.60
N ILE A 179 30.90 5.89 -7.77
CA ILE A 179 31.24 4.49 -7.87
C ILE A 179 30.71 3.95 -9.20
N ARG A 180 29.37 3.80 -9.32
CA ARG A 180 28.74 3.31 -10.55
C ARG A 180 29.41 3.96 -11.71
N PHE A 181 29.82 5.19 -11.62
CA PHE A 181 30.37 5.69 -12.82
C PHE A 181 31.86 5.30 -13.04
N ALA A 182 32.64 5.03 -11.98
CA ALA A 182 34.04 4.50 -12.19
C ALA A 182 33.96 3.00 -12.63
N ARG A 183 33.02 2.26 -12.04
CA ARG A 183 32.91 0.90 -12.38
C ARG A 183 32.48 0.84 -13.84
N LYS A 184 31.74 1.86 -14.30
CA LYS A 184 31.40 1.91 -15.72
C LYS A 184 32.61 2.06 -16.55
N HIS A 185 33.42 3.03 -16.29
CA HIS A 185 34.47 3.27 -17.22
C HIS A 185 35.74 2.62 -16.70
N ASP A 186 35.58 1.60 -15.89
CA ASP A 186 36.72 0.83 -15.41
C ASP A 186 37.86 1.66 -14.80
N LEU A 187 37.57 2.77 -14.12
CA LEU A 187 38.65 3.31 -13.25
C LEU A 187 38.44 2.94 -11.78
N ALA A 188 39.48 3.08 -10.99
CA ALA A 188 39.31 2.86 -9.58
C ALA A 188 38.94 4.19 -8.99
N ILE A 189 38.09 4.15 -7.99
CA ILE A 189 37.73 5.30 -7.20
C ILE A 189 38.91 6.24 -6.95
N SER A 190 40.09 5.67 -6.76
CA SER A 190 41.30 6.42 -6.39
C SER A 190 41.82 7.37 -7.43
N GLN A 191 41.06 7.59 -8.48
CA GLN A 191 41.62 8.00 -9.76
C GLN A 191 40.66 9.00 -10.34
N LEU A 192 39.42 8.76 -9.96
CA LEU A 192 38.35 9.69 -10.17
C LEU A 192 38.86 11.15 -10.14
N PRO A 193 39.66 11.54 -9.13
CA PRO A 193 40.31 12.88 -9.19
C PRO A 193 40.78 13.22 -10.57
N ASN A 194 41.76 12.50 -11.16
CA ASN A 194 42.38 12.88 -12.46
C ASN A 194 41.59 12.59 -13.73
N ILE A 195 40.28 12.52 -13.60
CA ILE A 195 39.45 12.20 -14.74
C ILE A 195 39.49 13.32 -15.80
N ASP A 196 40.32 13.14 -16.82
CA ASP A 196 40.49 14.17 -17.87
C ASP A 196 39.19 14.97 -18.15
N ALA A 197 39.33 16.21 -18.66
CA ALA A 197 38.23 17.22 -18.64
C ALA A 197 36.94 16.83 -19.39
N GLY A 198 37.05 15.83 -20.28
CA GLY A 198 35.91 15.29 -21.08
C GLY A 198 34.90 14.47 -20.28
N ARG A 199 35.40 13.54 -19.46
CA ARG A 199 34.60 12.58 -18.70
C ARG A 199 34.17 13.25 -17.39
N HIS A 200 34.84 14.36 -17.11
CA HIS A 200 34.50 15.20 -16.02
C HIS A 200 33.05 15.65 -16.10
N VAL A 201 32.69 16.15 -17.26
CA VAL A 201 31.38 16.75 -17.46
C VAL A 201 30.20 15.76 -17.36
N GLU A 202 30.45 14.52 -17.76
CA GLU A 202 29.43 13.48 -17.68
C GLU A 202 29.22 13.12 -16.22
N LEU A 203 30.34 12.91 -15.53
CA LEU A 203 30.33 12.58 -14.14
C LEU A 203 29.67 13.69 -13.41
N ILE A 204 29.95 14.95 -13.78
CA ILE A 204 29.16 16.00 -13.17
C ILE A 204 27.72 15.79 -13.61
N GLU A 205 27.54 15.83 -14.91
CA GLU A 205 26.18 15.77 -15.31
C GLU A 205 25.43 14.61 -14.67
N ALA A 206 26.15 13.59 -14.23
CA ALA A 206 25.52 12.35 -13.80
C ALA A 206 24.90 12.46 -12.40
N ILE A 207 25.73 12.83 -11.45
CA ILE A 207 25.35 13.31 -10.16
C ILE A 207 24.23 14.32 -10.26
N ALA A 208 24.48 15.44 -10.94
CA ALA A 208 23.36 16.35 -11.24
C ALA A 208 22.05 15.52 -11.30
N ASN A 209 21.97 14.53 -12.19
CA ASN A 209 20.75 13.71 -12.40
C ASN A 209 20.38 12.85 -11.25
N GLU A 210 21.37 12.44 -10.44
CA GLU A 210 21.10 11.48 -9.37
C GLU A 210 20.33 12.31 -8.37
N TYR A 211 20.92 13.41 -7.95
CA TYR A 211 20.18 14.43 -7.17
C TYR A 211 18.76 14.76 -7.68
N LEU A 212 18.70 14.96 -8.98
CA LEU A 212 17.45 15.37 -9.61
C LEU A 212 16.38 14.40 -9.15
N GLU A 213 16.75 13.13 -9.17
CA GLU A 213 15.80 12.11 -8.89
C GLU A 213 15.36 12.10 -7.44
N HIS A 214 16.35 12.11 -6.55
CA HIS A 214 16.16 12.38 -5.14
C HIS A 214 15.20 13.55 -4.89
N ALA A 215 15.57 14.73 -5.36
CA ALA A 215 14.69 15.86 -5.33
C ALA A 215 13.32 15.34 -5.62
N LEU A 216 13.25 14.53 -6.63
CA LEU A 216 11.95 14.10 -7.04
C LEU A 216 11.21 13.19 -6.10
N SER A 217 11.93 12.48 -5.26
CA SER A 217 11.27 11.63 -4.32
C SER A 217 10.98 12.41 -3.09
N GLN A 218 11.91 13.29 -2.75
CA GLN A 218 11.67 14.13 -1.60
C GLN A 218 10.28 14.72 -1.90
N GLU A 219 10.15 15.22 -3.13
CA GLU A 219 8.91 15.85 -3.48
C GLU A 219 7.66 14.97 -3.18
N ARG A 220 7.70 13.71 -3.57
CA ARG A 220 6.50 12.95 -3.49
C ARG A 220 6.43 12.35 -2.12
N ASP A 221 7.48 12.46 -1.31
CA ASP A 221 7.34 11.89 0.04
C ASP A 221 7.36 12.83 1.25
N PHE A 222 7.72 14.12 1.09
CA PHE A 222 7.62 15.12 2.18
C PHE A 222 6.26 15.12 2.79
N PRO A 223 6.11 15.59 4.00
CA PRO A 223 4.69 15.81 4.20
C PRO A 223 4.35 17.29 3.88
N GLN A 224 3.08 17.71 3.94
CA GLN A 224 2.86 19.15 3.94
C GLN A 224 2.56 19.47 5.38
N TRP A 225 2.81 20.71 5.78
CA TRP A 225 2.80 21.04 7.19
C TRP A 225 1.54 21.74 7.69
N PRO A 226 0.92 21.14 8.72
CA PRO A 226 -0.20 21.74 9.43
C PRO A 226 -0.29 23.29 9.36
N MET B 1 -24.55 -30.53 -37.55
CA MET B 1 -25.40 -30.31 -36.35
C MET B 1 -26.78 -29.87 -36.78
N LEU B 2 -27.75 -30.49 -36.13
CA LEU B 2 -29.14 -30.34 -36.37
C LEU B 2 -29.78 -29.21 -35.56
N LEU B 3 -30.77 -28.58 -36.15
CA LEU B 3 -31.54 -27.60 -35.44
C LEU B 3 -32.96 -28.09 -35.52
N HIS B 4 -33.48 -28.66 -34.43
CA HIS B 4 -34.88 -29.04 -34.44
C HIS B 4 -35.62 -27.81 -34.03
N LEU B 5 -36.28 -27.17 -34.98
CA LEU B 5 -36.89 -25.90 -34.65
C LEU B 5 -38.41 -26.11 -34.44
N ILE B 6 -38.94 -25.54 -33.37
CA ILE B 6 -40.33 -25.67 -33.12
C ILE B 6 -40.89 -24.32 -32.85
N TYR B 7 -41.84 -23.86 -33.62
CA TYR B 7 -42.43 -22.57 -33.26
C TYR B 7 -43.90 -22.57 -33.61
N GLY B 8 -44.60 -21.53 -33.13
CA GLY B 8 -46.06 -21.41 -33.28
C GLY B 8 -46.75 -20.52 -32.22
N PRO B 9 -48.05 -20.42 -32.29
CA PRO B 9 -48.68 -19.48 -31.40
C PRO B 9 -48.64 -19.84 -29.91
N THR B 10 -49.18 -18.95 -29.13
CA THR B 10 -49.01 -19.01 -27.75
C THR B 10 -49.47 -20.19 -27.05
N CYS B 11 -50.32 -21.09 -27.54
CA CYS B 11 -50.48 -22.34 -26.70
C CYS B 11 -50.71 -23.59 -27.44
N SER B 12 -49.63 -24.00 -28.04
CA SER B 12 -49.71 -25.09 -28.93
C SER B 12 -48.96 -26.24 -28.30
N GLY B 13 -48.67 -26.16 -27.00
CA GLY B 13 -47.82 -27.16 -26.32
C GLY B 13 -46.45 -27.37 -27.02
N LYS B 14 -45.86 -26.29 -27.54
CA LYS B 14 -44.50 -26.38 -28.00
C LYS B 14 -43.61 -26.92 -26.86
N THR B 15 -43.52 -26.19 -25.77
CA THR B 15 -42.66 -26.55 -24.69
C THR B 15 -42.71 -28.06 -24.37
N ASP B 16 -43.89 -28.58 -24.09
CA ASP B 16 -43.94 -30.03 -23.79
C ASP B 16 -43.34 -30.93 -24.92
N MET B 17 -43.52 -30.51 -26.17
CA MET B 17 -42.85 -31.15 -27.28
C MET B 17 -41.36 -31.06 -27.14
N ALA B 18 -40.81 -29.87 -27.01
CA ALA B 18 -39.35 -29.74 -26.78
C ALA B 18 -38.88 -30.61 -25.61
N ILE B 19 -39.53 -30.52 -24.49
CA ILE B 19 -39.18 -31.39 -23.37
C ILE B 19 -39.15 -32.91 -23.69
N GLN B 20 -40.07 -33.32 -24.57
CA GLN B 20 -40.10 -34.68 -25.01
C GLN B 20 -38.86 -34.98 -25.77
N ILE B 21 -38.56 -34.14 -26.78
CA ILE B 21 -37.51 -34.45 -27.73
C ILE B 21 -36.20 -34.33 -27.01
N ALA B 22 -36.17 -33.42 -26.05
CA ALA B 22 -34.98 -33.18 -25.26
C ALA B 22 -34.72 -34.40 -24.40
N GLN B 23 -35.77 -34.89 -23.69
CA GLN B 23 -35.75 -36.13 -22.99
C GLN B 23 -35.26 -37.29 -23.86
N GLU B 24 -35.80 -37.54 -25.03
CA GLU B 24 -35.36 -38.73 -25.69
C GLU B 24 -33.88 -38.62 -26.10
N THR B 25 -33.48 -37.35 -26.27
CA THR B 25 -32.38 -36.96 -27.12
C THR B 25 -31.13 -36.42 -26.35
N GLY B 26 -31.34 -36.02 -25.08
CA GLY B 26 -30.23 -35.40 -24.34
C GLY B 26 -29.88 -33.96 -24.71
N TRP B 27 -30.44 -33.45 -25.79
CA TRP B 27 -30.31 -32.04 -26.19
C TRP B 27 -30.95 -30.91 -25.28
N PRO B 28 -30.26 -29.75 -25.23
CA PRO B 28 -30.77 -28.56 -24.58
C PRO B 28 -31.78 -27.95 -25.47
N VAL B 29 -32.74 -27.23 -24.91
CA VAL B 29 -33.77 -26.58 -25.73
C VAL B 29 -33.51 -25.09 -25.60
N VAL B 30 -32.99 -24.40 -26.58
CA VAL B 30 -32.97 -22.95 -26.36
C VAL B 30 -34.41 -22.38 -26.46
N ALA B 31 -34.76 -21.50 -25.52
CA ALA B 31 -36.11 -20.86 -25.63
C ALA B 31 -36.16 -19.56 -26.51
N LEU B 32 -37.09 -19.61 -27.49
CA LEU B 32 -37.27 -18.61 -28.53
C LEU B 32 -38.12 -17.49 -27.97
N ASP B 33 -37.66 -16.86 -26.89
CA ASP B 33 -38.58 -15.96 -26.24
C ASP B 33 -37.96 -14.72 -25.59
N ARG B 34 -37.93 -13.54 -26.17
CA ARG B 34 -37.62 -12.40 -25.29
C ARG B 34 -38.27 -12.34 -23.87
N VAL B 35 -39.59 -12.47 -23.68
CA VAL B 35 -40.15 -12.11 -22.38
C VAL B 35 -39.72 -13.06 -21.30
N GLN B 36 -39.52 -14.26 -21.73
CA GLN B 36 -39.20 -15.27 -20.87
C GLN B 36 -37.83 -15.16 -20.33
N CYS B 37 -37.16 -14.05 -20.51
CA CYS B 37 -35.81 -13.90 -20.11
C CYS B 37 -35.74 -13.15 -18.82
N CYS B 38 -36.91 -12.89 -18.29
CA CYS B 38 -37.01 -12.12 -17.09
C CYS B 38 -37.61 -12.92 -16.00
N PRO B 39 -36.74 -13.55 -15.20
CA PRO B 39 -37.23 -14.69 -14.31
C PRO B 39 -38.13 -14.18 -13.21
N GLN B 40 -38.11 -12.88 -12.90
CA GLN B 40 -39.11 -12.39 -11.98
C GLN B 40 -40.44 -12.41 -12.59
N ILE B 41 -40.56 -12.84 -13.86
CA ILE B 41 -41.83 -13.26 -14.28
C ILE B 41 -41.72 -14.50 -15.07
N ALA B 42 -40.75 -15.30 -14.66
CA ALA B 42 -41.02 -16.77 -14.79
C ALA B 42 -42.49 -17.19 -15.06
N THR B 43 -43.33 -17.37 -14.01
CA THR B 43 -44.64 -18.05 -14.22
C THR B 43 -45.49 -17.37 -15.28
N GLY B 44 -45.54 -16.03 -15.14
CA GLY B 44 -46.38 -15.18 -15.96
C GLY B 44 -45.98 -15.37 -17.37
N SER B 45 -44.66 -15.33 -17.64
CA SER B 45 -44.15 -15.29 -19.04
C SER B 45 -44.13 -16.69 -19.60
N GLY B 46 -44.63 -17.67 -18.85
CA GLY B 46 -44.69 -19.04 -19.38
C GLY B 46 -43.54 -20.03 -19.23
N ARG B 47 -42.37 -19.70 -18.57
CA ARG B 47 -41.33 -20.69 -18.41
C ARG B 47 -42.05 -21.86 -17.65
N PRO B 48 -41.66 -23.13 -17.91
CA PRO B 48 -42.15 -24.33 -17.24
C PRO B 48 -41.60 -24.39 -15.89
N LEU B 49 -42.27 -25.16 -15.03
CA LEU B 49 -41.80 -25.53 -13.67
C LEU B 49 -40.63 -26.39 -13.86
N GLU B 50 -39.85 -26.47 -12.81
CA GLU B 50 -38.60 -27.12 -12.92
C GLU B 50 -38.97 -28.57 -12.97
N SER B 51 -39.92 -28.91 -12.14
CA SER B 51 -40.54 -30.23 -12.22
C SER B 51 -41.22 -30.55 -13.55
N GLU B 52 -41.48 -29.57 -14.47
CA GLU B 52 -42.14 -30.08 -15.74
C GLU B 52 -41.05 -30.41 -16.61
N LEU B 53 -39.85 -30.19 -16.08
CA LEU B 53 -38.75 -30.10 -16.98
C LEU B 53 -38.14 -31.46 -17.19
N GLN B 54 -38.53 -32.37 -16.26
CA GLN B 54 -38.08 -33.70 -16.38
C GLN B 54 -36.55 -33.90 -16.42
N SER B 55 -35.77 -33.13 -15.68
CA SER B 55 -34.26 -33.08 -15.87
C SER B 55 -33.68 -32.69 -17.19
N THR B 56 -34.43 -32.15 -18.11
CA THR B 56 -33.86 -31.77 -19.39
C THR B 56 -33.21 -30.38 -19.20
N ARG B 57 -32.49 -29.82 -20.18
CA ARG B 57 -32.05 -28.49 -20.06
C ARG B 57 -32.96 -27.53 -20.92
N ARG B 58 -33.30 -26.36 -20.36
CA ARG B 58 -33.96 -25.32 -21.12
C ARG B 58 -33.10 -24.03 -20.99
N ILE B 59 -32.37 -23.57 -22.03
CA ILE B 59 -31.53 -22.38 -21.90
C ILE B 59 -32.30 -21.08 -22.18
N TYR B 60 -32.20 -20.06 -21.35
CA TYR B 60 -32.64 -18.62 -21.79
C TYR B 60 -31.60 -17.56 -22.52
N LEU B 61 -32.06 -16.81 -23.52
CA LEU B 61 -31.10 -15.87 -24.29
C LEU B 61 -30.39 -14.93 -23.36
N ASP B 62 -30.98 -14.65 -22.20
CA ASP B 62 -30.18 -13.98 -21.18
C ASP B 62 -31.11 -14.00 -19.94
N SER B 63 -30.66 -13.63 -18.73
CA SER B 63 -31.57 -13.51 -17.64
C SER B 63 -31.37 -12.13 -17.02
N ARG B 64 -32.49 -11.41 -16.80
CA ARG B 64 -32.46 -9.99 -16.41
C ARG B 64 -33.70 -9.39 -15.75
N PRO B 65 -33.43 -8.34 -14.95
CA PRO B 65 -34.35 -7.55 -14.14
C PRO B 65 -35.48 -7.06 -14.93
N LEU B 66 -36.71 -7.32 -14.54
CA LEU B 66 -37.81 -6.75 -15.37
C LEU B 66 -37.47 -5.34 -15.70
N THR B 67 -37.12 -4.59 -14.67
CA THR B 67 -36.89 -3.17 -14.84
C THR B 67 -35.81 -2.76 -15.87
N GLU B 68 -34.99 -3.68 -16.31
CA GLU B 68 -34.01 -3.42 -17.30
C GLU B 68 -34.76 -3.48 -18.61
N GLY B 69 -36.07 -3.54 -18.62
CA GLY B 69 -36.66 -3.76 -19.95
C GLY B 69 -36.59 -5.18 -20.55
N ILE B 70 -37.58 -5.52 -21.34
CA ILE B 70 -37.62 -6.80 -21.95
C ILE B 70 -36.53 -6.79 -22.94
N LEU B 71 -35.85 -7.92 -23.04
CA LEU B 71 -34.57 -7.90 -23.85
C LEU B 71 -34.89 -7.43 -25.27
N ASP B 72 -34.44 -6.31 -25.74
CA ASP B 72 -34.92 -6.01 -27.13
C ASP B 72 -34.63 -7.12 -28.22
N ALA B 73 -35.31 -7.04 -29.34
CA ALA B 73 -35.17 -8.01 -30.42
C ALA B 73 -33.77 -8.28 -31.04
N GLU B 74 -33.05 -7.23 -31.47
CA GLU B 74 -31.69 -7.38 -31.97
C GLU B 74 -30.76 -8.21 -31.09
N SER B 75 -30.76 -7.98 -29.78
CA SER B 75 -29.77 -8.63 -28.96
C SER B 75 -30.16 -10.05 -28.86
N ALA B 76 -31.38 -10.29 -28.32
CA ALA B 76 -31.93 -11.64 -28.28
C ALA B 76 -31.33 -12.45 -29.44
N HIS B 77 -31.17 -11.77 -30.64
CA HIS B 77 -30.75 -12.46 -31.89
C HIS B 77 -29.30 -12.74 -31.88
N ARG B 78 -28.55 -11.74 -31.47
CA ARG B 78 -27.07 -11.93 -31.46
C ARG B 78 -26.94 -13.08 -30.34
N ARG B 79 -27.34 -12.81 -29.13
CA ARG B 79 -27.41 -13.86 -28.10
C ARG B 79 -27.83 -15.30 -28.51
N LEU B 80 -29.08 -15.54 -29.01
CA LEU B 80 -29.35 -16.68 -29.86
C LEU B 80 -28.15 -17.20 -30.73
N ILE B 81 -27.59 -16.42 -31.70
CA ILE B 81 -26.52 -16.87 -32.51
C ILE B 81 -25.41 -17.50 -31.73
N PHE B 82 -25.04 -16.82 -30.66
CA PHE B 82 -23.90 -17.19 -29.85
C PHE B 82 -24.27 -18.47 -29.19
N GLU B 83 -25.40 -18.46 -28.46
CA GLU B 83 -25.85 -19.71 -27.74
C GLU B 83 -25.89 -20.96 -28.64
N VAL B 84 -26.41 -20.81 -29.88
CA VAL B 84 -26.17 -21.80 -30.89
C VAL B 84 -24.66 -21.87 -31.38
N ASP B 85 -24.03 -20.76 -31.57
CA ASP B 85 -22.71 -20.97 -32.09
C ASP B 85 -21.78 -21.82 -31.19
N TRP B 86 -21.50 -21.39 -30.01
CA TRP B 86 -20.43 -22.09 -29.30
C TRP B 86 -20.66 -23.53 -29.09
N ARG B 87 -21.84 -24.10 -29.46
CA ARG B 87 -22.24 -25.50 -29.07
C ARG B 87 -22.09 -26.31 -30.33
N LYS B 88 -21.52 -25.69 -31.38
CA LYS B 88 -21.70 -26.26 -32.72
C LYS B 88 -21.20 -27.70 -32.80
N SER B 89 -20.35 -28.09 -31.87
CA SER B 89 -19.78 -29.40 -32.02
C SER B 89 -20.66 -30.46 -31.48
N GLU B 90 -21.70 -30.07 -30.70
CA GLU B 90 -22.69 -31.05 -30.28
C GLU B 90 -23.61 -31.53 -31.46
N GLU B 91 -24.30 -32.62 -31.22
CA GLU B 91 -25.03 -33.26 -32.23
C GLU B 91 -26.21 -32.39 -32.66
N GLY B 92 -27.22 -32.18 -31.76
CA GLY B 92 -28.44 -31.40 -32.11
C GLY B 92 -28.82 -30.45 -30.99
N LEU B 93 -29.41 -29.32 -31.32
CA LEU B 93 -30.16 -28.52 -30.42
C LEU B 93 -31.58 -28.30 -30.85
N ILE B 94 -32.43 -28.21 -29.85
CA ILE B 94 -33.78 -27.84 -30.03
C ILE B 94 -33.97 -26.36 -29.86
N LEU B 95 -34.69 -25.73 -30.77
CA LEU B 95 -35.10 -24.31 -30.69
C LEU B 95 -36.61 -24.21 -30.71
N GLU B 96 -37.16 -23.53 -29.71
CA GLU B 96 -38.57 -23.61 -29.50
C GLU B 96 -38.89 -22.28 -29.04
N GLY B 97 -40.01 -21.79 -29.49
CA GLY B 97 -40.64 -20.63 -28.87
C GLY B 97 -41.71 -19.95 -29.73
N GLY B 98 -42.03 -18.73 -29.28
CA GLY B 98 -42.98 -17.89 -29.97
C GLY B 98 -42.54 -16.46 -30.38
N SER B 99 -41.35 -16.01 -30.08
CA SER B 99 -41.13 -14.56 -30.37
C SER B 99 -41.23 -14.28 -31.83
N ILE B 100 -42.12 -13.38 -32.21
CA ILE B 100 -42.18 -12.97 -33.60
C ILE B 100 -40.87 -12.40 -34.12
N SER B 101 -40.45 -11.36 -33.42
CA SER B 101 -39.26 -10.64 -33.78
C SER B 101 -38.04 -11.62 -33.81
N LEU B 102 -38.03 -12.61 -32.94
CA LEU B 102 -36.87 -13.50 -32.99
C LEU B 102 -36.91 -14.47 -34.18
N LEU B 103 -38.02 -14.59 -34.91
CA LEU B 103 -38.04 -15.61 -35.95
C LEU B 103 -37.91 -14.95 -37.29
N ASN B 104 -38.28 -13.69 -37.33
CA ASN B 104 -38.12 -12.94 -38.49
C ASN B 104 -36.66 -12.68 -38.57
N CYS B 105 -36.06 -12.53 -37.40
CA CYS B 105 -34.64 -12.39 -37.36
C CYS B 105 -33.91 -13.53 -37.93
N MET B 106 -34.18 -14.69 -37.38
CA MET B 106 -33.74 -15.92 -38.00
C MET B 106 -34.15 -16.03 -39.47
N ALA B 107 -35.36 -15.63 -39.84
CA ALA B 107 -35.73 -15.72 -41.27
C ALA B 107 -34.80 -14.89 -42.20
N LYS B 108 -34.79 -13.57 -42.00
CA LYS B 108 -33.92 -12.62 -42.73
C LYS B 108 -32.39 -12.86 -42.57
N SER B 109 -31.93 -13.46 -41.47
CA SER B 109 -30.49 -13.46 -41.18
C SER B 109 -29.73 -14.55 -41.94
N PRO B 110 -28.48 -14.20 -42.35
CA PRO B 110 -27.45 -15.04 -42.99
C PRO B 110 -26.84 -16.18 -42.14
N PHE B 111 -26.61 -15.94 -40.86
CA PHE B 111 -26.03 -17.00 -40.07
C PHE B 111 -26.71 -18.36 -40.25
N TRP B 112 -28.02 -18.31 -40.36
CA TRP B 112 -28.83 -19.51 -40.24
C TRP B 112 -28.82 -20.24 -41.58
N ARG B 113 -28.51 -19.50 -42.62
CA ARG B 113 -28.64 -20.07 -43.99
C ARG B 113 -27.35 -20.84 -44.35
N SER B 114 -27.13 -22.00 -43.72
CA SER B 114 -25.90 -22.80 -43.87
C SER B 114 -25.35 -23.27 -42.51
N GLY B 115 -24.51 -24.31 -42.57
CA GLY B 115 -23.84 -24.89 -41.42
C GLY B 115 -24.65 -25.95 -40.66
N PHE B 116 -25.97 -26.06 -40.90
CA PHE B 116 -26.75 -27.06 -40.14
C PHE B 116 -27.89 -27.63 -40.94
N GLN B 117 -28.53 -28.66 -40.41
CA GLN B 117 -29.75 -29.12 -41.04
C GLN B 117 -30.90 -28.72 -40.16
N TRP B 118 -32.12 -28.87 -40.65
CA TRP B 118 -33.27 -28.43 -39.90
C TRP B 118 -34.30 -29.53 -39.79
N HIS B 119 -35.16 -29.45 -38.80
CA HIS B 119 -36.31 -30.28 -38.74
C HIS B 119 -37.28 -29.29 -38.24
N VAL B 120 -37.78 -28.46 -39.11
CA VAL B 120 -38.71 -27.44 -38.67
C VAL B 120 -40.07 -28.05 -38.39
N LYS B 121 -40.77 -27.53 -37.38
CA LYS B 121 -42.10 -27.99 -37.08
C LYS B 121 -42.99 -26.81 -36.70
N ARG B 122 -44.01 -26.48 -37.50
CA ARG B 122 -44.84 -25.29 -37.16
C ARG B 122 -46.24 -25.59 -36.64
N LEU B 123 -46.66 -25.02 -35.54
CA LEU B 123 -48.01 -25.31 -35.15
C LEU B 123 -48.81 -24.13 -35.51
N ARG B 124 -50.09 -24.36 -35.76
CA ARG B 124 -50.97 -23.29 -36.18
C ARG B 124 -52.09 -23.14 -35.17
N LEU B 125 -52.63 -21.94 -35.07
CA LEU B 125 -53.78 -21.77 -34.24
C LEU B 125 -54.97 -22.46 -34.95
N GLY B 126 -55.69 -23.34 -34.23
CA GLY B 126 -56.83 -24.09 -34.76
C GLY B 126 -58.05 -23.25 -34.48
N ASP B 127 -59.14 -23.88 -34.10
CA ASP B 127 -60.32 -23.09 -33.77
C ASP B 127 -60.15 -22.21 -32.56
N SER B 128 -60.57 -20.96 -32.74
CA SER B 128 -60.71 -20.06 -31.64
C SER B 128 -61.19 -20.85 -30.46
N ASP B 129 -62.42 -21.34 -30.59
CA ASP B 129 -63.07 -21.98 -29.46
C ASP B 129 -62.19 -22.89 -28.60
N ALA B 130 -61.48 -23.85 -29.22
CA ALA B 130 -60.63 -24.80 -28.46
C ALA B 130 -59.31 -24.17 -27.97
N PHE B 131 -58.89 -23.09 -28.63
CA PHE B 131 -57.80 -22.33 -28.10
C PHE B 131 -58.21 -21.83 -26.77
N LEU B 132 -59.23 -20.98 -26.70
CA LEU B 132 -59.61 -20.48 -25.37
C LEU B 132 -59.74 -21.65 -24.38
N THR B 133 -60.18 -22.84 -24.78
CA THR B 133 -60.34 -23.84 -23.73
C THR B 133 -58.98 -24.20 -23.14
N ARG B 134 -57.99 -24.33 -24.01
CA ARG B 134 -56.66 -24.55 -23.61
C ARG B 134 -56.15 -23.38 -22.75
N ALA B 135 -56.34 -22.18 -23.25
CA ALA B 135 -55.71 -21.01 -22.63
C ALA B 135 -56.27 -20.82 -21.23
N LYS B 136 -57.59 -20.87 -21.10
CA LYS B 136 -58.20 -20.89 -19.81
C LYS B 136 -57.48 -21.89 -18.88
N GLN B 137 -57.31 -23.14 -19.32
CA GLN B 137 -56.68 -24.13 -18.46
C GLN B 137 -55.29 -23.71 -18.10
N ARG B 138 -54.56 -23.28 -19.11
CA ARG B 138 -53.22 -22.81 -18.90
C ARG B 138 -53.16 -21.62 -17.97
N VAL B 139 -54.14 -20.75 -17.98
CA VAL B 139 -54.04 -19.64 -17.08
C VAL B 139 -54.36 -20.13 -15.71
N ALA B 140 -55.35 -20.99 -15.61
CA ALA B 140 -55.73 -21.47 -14.32
C ALA B 140 -54.42 -21.96 -13.72
N GLU B 141 -53.66 -22.72 -14.47
CA GLU B 141 -52.43 -23.19 -13.90
C GLU B 141 -51.53 -22.02 -13.41
N MET B 142 -51.18 -21.04 -14.24
CA MET B 142 -50.45 -19.90 -13.74
C MET B 142 -51.04 -19.25 -12.43
N PHE B 143 -52.31 -19.51 -12.17
CA PHE B 143 -53.00 -18.96 -11.02
C PHE B 143 -53.11 -19.96 -9.84
N ALA B 144 -52.82 -21.23 -10.07
CA ALA B 144 -52.58 -22.19 -8.99
C ALA B 144 -51.62 -21.63 -7.90
N ILE B 145 -52.02 -21.72 -6.62
CA ILE B 145 -51.03 -21.51 -5.52
C ILE B 145 -50.02 -22.71 -5.31
N ARG B 146 -48.78 -22.45 -4.90
CA ARG B 146 -47.78 -23.53 -4.80
C ARG B 146 -46.46 -23.16 -4.13
N GLU B 147 -45.94 -24.14 -3.41
CA GLU B 147 -44.76 -23.93 -2.62
C GLU B 147 -43.57 -23.55 -3.47
N ASP B 148 -43.42 -24.17 -4.63
CA ASP B 148 -42.22 -23.92 -5.50
C ASP B 148 -42.18 -22.52 -6.08
N ARG B 149 -43.01 -22.22 -7.04
CA ARG B 149 -42.87 -20.93 -7.79
C ARG B 149 -44.00 -19.96 -7.38
N PRO B 150 -43.67 -18.68 -7.35
CA PRO B 150 -44.66 -17.66 -7.18
C PRO B 150 -45.73 -17.82 -8.24
N SER B 151 -47.00 -17.50 -7.94
CA SER B 151 -47.98 -17.39 -9.04
C SER B 151 -47.79 -16.10 -9.94
N LEU B 152 -48.75 -15.91 -10.84
CA LEU B 152 -48.65 -14.88 -11.86
C LEU B 152 -49.03 -13.56 -11.16
N LEU B 153 -50.06 -13.72 -10.29
CA LEU B 153 -50.65 -12.60 -9.60
C LEU B 153 -49.69 -12.16 -8.47
N GLU B 154 -48.95 -13.16 -7.95
CA GLU B 154 -48.00 -12.84 -6.89
C GLU B 154 -46.90 -12.16 -7.63
N GLU B 155 -46.44 -12.74 -8.74
CA GLU B 155 -45.45 -12.10 -9.60
C GLU B 155 -45.93 -10.71 -9.79
N LEU B 156 -47.23 -10.59 -10.11
CA LEU B 156 -47.80 -9.27 -10.28
C LEU B 156 -47.75 -8.42 -9.00
N ALA B 157 -48.20 -8.83 -7.85
CA ALA B 157 -48.04 -7.86 -6.74
C ALA B 157 -46.62 -7.48 -6.44
N GLU B 158 -45.84 -8.50 -6.14
CA GLU B 158 -44.48 -8.31 -5.68
C GLU B 158 -43.83 -7.27 -6.58
N LEU B 159 -44.07 -7.42 -7.85
CA LEU B 159 -43.32 -6.68 -8.80
C LEU B 159 -43.83 -5.19 -8.94
N TRP B 160 -45.09 -4.99 -8.60
CA TRP B 160 -45.69 -3.69 -8.66
C TRP B 160 -45.05 -2.65 -7.74
N ASN B 161 -44.49 -3.07 -6.62
CA ASN B 161 -43.88 -2.08 -5.72
C ASN B 161 -42.89 -1.18 -6.38
N TYR B 162 -41.90 -1.77 -7.03
CA TYR B 162 -40.87 -1.00 -7.79
C TYR B 162 -41.54 -0.27 -8.99
N PRO B 163 -41.44 1.09 -9.00
CA PRO B 163 -42.44 1.80 -9.78
C PRO B 163 -42.18 1.54 -11.23
N ALA B 164 -40.92 1.36 -11.61
CA ALA B 164 -40.60 1.24 -13.05
C ALA B 164 -41.14 -0.03 -13.72
N ALA B 165 -41.46 -1.03 -12.90
CA ALA B 165 -42.17 -2.23 -13.29
C ALA B 165 -43.47 -1.99 -14.00
N ARG B 166 -44.15 -0.92 -13.64
CA ARG B 166 -45.50 -0.70 -14.14
C ARG B 166 -45.75 -0.43 -15.61
N PRO B 167 -45.01 0.54 -16.25
CA PRO B 167 -45.19 0.71 -17.69
C PRO B 167 -44.74 -0.60 -18.33
N ILE B 168 -43.63 -1.18 -17.86
CA ILE B 168 -43.00 -2.30 -18.56
C ILE B 168 -44.03 -3.38 -18.57
N LEU B 169 -44.53 -3.67 -17.35
CA LEU B 169 -45.43 -4.75 -17.09
C LEU B 169 -46.71 -4.54 -17.91
N GLU B 170 -47.24 -3.33 -17.89
CA GLU B 170 -48.43 -3.07 -18.64
C GLU B 170 -48.30 -3.63 -20.05
N ASP B 171 -47.07 -3.95 -20.45
CA ASP B 171 -46.79 -4.22 -21.87
C ASP B 171 -46.69 -5.62 -22.36
N ILE B 172 -46.39 -6.53 -21.46
CA ILE B 172 -46.28 -7.91 -21.70
C ILE B 172 -47.71 -8.39 -21.59
N ASP B 173 -48.11 -9.35 -22.44
CA ASP B 173 -49.47 -9.95 -22.31
C ASP B 173 -49.78 -10.18 -20.85
N GLY B 174 -50.72 -11.09 -20.60
CA GLY B 174 -51.03 -11.62 -19.23
C GLY B 174 -51.40 -10.60 -18.13
N TYR B 175 -50.46 -9.74 -17.85
CA TYR B 175 -50.54 -8.93 -16.73
C TYR B 175 -51.30 -7.70 -17.11
N ARG B 176 -51.16 -7.34 -18.37
CA ARG B 176 -51.83 -6.13 -18.84
C ARG B 176 -53.31 -6.25 -18.56
N CYS B 177 -53.83 -7.31 -19.11
CA CYS B 177 -55.09 -7.77 -18.82
C CYS B 177 -55.28 -7.73 -17.31
N ALA B 178 -54.26 -8.16 -16.54
CA ALA B 178 -54.42 -8.27 -15.10
C ALA B 178 -54.56 -6.89 -14.49
N ILE B 179 -53.69 -5.96 -14.86
CA ILE B 179 -53.89 -4.62 -14.40
C ILE B 179 -55.10 -3.90 -14.95
N ARG B 180 -55.48 -4.17 -16.20
CA ARG B 180 -56.71 -3.62 -16.74
C ARG B 180 -57.89 -4.07 -15.91
N PHE B 181 -58.21 -5.37 -15.94
CA PHE B 181 -59.25 -5.90 -15.08
C PHE B 181 -59.19 -5.17 -13.76
N ALA B 182 -58.02 -4.95 -13.17
CA ALA B 182 -57.96 -4.34 -11.83
C ALA B 182 -58.40 -2.86 -11.70
N ARG B 183 -57.98 -2.02 -12.65
CA ARG B 183 -58.24 -0.59 -12.53
C ARG B 183 -59.65 -0.47 -12.94
N LYS B 184 -60.21 -1.53 -13.51
CA LYS B 184 -61.62 -1.61 -13.82
C LYS B 184 -62.27 -1.84 -12.49
N HIS B 185 -62.86 -2.99 -12.26
CA HIS B 185 -63.49 -3.27 -10.94
C HIS B 185 -62.85 -2.51 -9.74
N ASP B 186 -61.76 -1.81 -10.03
CA ASP B 186 -61.17 -0.91 -9.06
C ASP B 186 -60.65 -1.71 -7.96
N LEU B 187 -59.86 -2.72 -8.29
CA LEU B 187 -59.23 -3.49 -7.24
C LEU B 187 -57.84 -2.99 -7.13
N ALA B 188 -57.28 -3.16 -5.95
CA ALA B 188 -55.91 -2.85 -5.71
C ALA B 188 -55.10 -3.98 -6.39
N ILE B 189 -53.91 -3.69 -6.92
CA ILE B 189 -53.22 -4.82 -7.53
C ILE B 189 -52.97 -5.86 -6.47
N SER B 190 -52.27 -5.46 -5.41
CA SER B 190 -52.02 -6.32 -4.28
C SER B 190 -53.22 -7.16 -3.89
N GLN B 191 -54.28 -7.18 -4.67
CA GLN B 191 -55.47 -7.77 -4.14
C GLN B 191 -56.14 -8.73 -5.08
N LEU B 192 -55.48 -8.97 -6.20
CA LEU B 192 -56.08 -9.71 -7.26
C LEU B 192 -55.95 -11.16 -6.93
N PRO B 193 -54.93 -11.49 -6.12
CA PRO B 193 -54.81 -12.82 -5.51
C PRO B 193 -56.11 -13.27 -4.80
N ASN B 194 -56.48 -12.66 -3.67
CA ASN B 194 -57.82 -12.88 -3.07
C ASN B 194 -58.86 -12.20 -3.93
N ILE B 195 -59.42 -12.95 -4.85
CA ILE B 195 -60.53 -12.41 -5.60
C ILE B 195 -61.68 -13.40 -5.60
N ASP B 196 -62.77 -13.06 -4.95
CA ASP B 196 -63.85 -14.04 -4.89
C ASP B 196 -63.81 -14.91 -6.15
N ALA B 197 -64.01 -16.22 -5.99
CA ALA B 197 -64.09 -17.19 -7.10
C ALA B 197 -65.11 -16.79 -8.20
N GLY B 198 -66.23 -16.17 -7.83
CA GLY B 198 -67.10 -15.50 -8.81
C GLY B 198 -66.19 -14.80 -9.81
N ARG B 199 -65.48 -13.77 -9.35
CA ARG B 199 -64.70 -12.82 -10.19
C ARG B 199 -63.34 -13.32 -10.78
N HIS B 200 -62.95 -14.55 -10.44
CA HIS B 200 -61.77 -15.17 -11.01
C HIS B 200 -62.06 -15.32 -12.49
N VAL B 201 -63.09 -16.11 -12.76
CA VAL B 201 -63.42 -16.53 -14.10
C VAL B 201 -63.46 -15.44 -15.17
N GLU B 202 -63.77 -14.24 -14.77
CA GLU B 202 -63.82 -13.21 -15.77
C GLU B 202 -62.40 -12.85 -16.11
N LEU B 203 -61.70 -12.55 -15.04
CA LEU B 203 -60.27 -12.30 -15.07
C LEU B 203 -59.51 -13.39 -15.80
N ILE B 204 -59.85 -14.63 -15.54
CA ILE B 204 -59.31 -15.69 -16.37
C ILE B 204 -59.82 -15.37 -17.78
N GLU B 205 -61.04 -15.76 -18.09
CA GLU B 205 -61.53 -15.46 -19.43
C GLU B 205 -60.79 -14.25 -20.05
N ALA B 206 -60.79 -13.09 -19.39
CA ALA B 206 -60.09 -11.92 -19.95
C ALA B 206 -58.78 -12.38 -20.46
N ILE B 207 -57.92 -12.89 -19.58
CA ILE B 207 -56.53 -13.14 -20.01
C ILE B 207 -56.50 -14.08 -21.23
N ALA B 208 -57.22 -15.20 -21.04
CA ALA B 208 -57.53 -16.18 -22.06
C ALA B 208 -57.78 -15.55 -23.43
N ASN B 209 -58.69 -14.57 -23.56
CA ASN B 209 -58.92 -13.87 -24.86
C ASN B 209 -57.73 -13.03 -25.25
N GLU B 210 -57.00 -12.53 -24.27
CA GLU B 210 -55.96 -11.60 -24.59
C GLU B 210 -54.86 -12.33 -25.30
N TYR B 211 -54.73 -13.61 -24.94
CA TYR B 211 -53.74 -14.45 -25.59
C TYR B 211 -54.13 -14.83 -27.01
N LEU B 212 -55.41 -15.12 -27.14
CA LEU B 212 -56.03 -15.35 -28.41
C LEU B 212 -55.55 -14.25 -29.35
N GLU B 213 -55.96 -13.04 -28.97
CA GLU B 213 -55.51 -11.78 -29.54
C GLU B 213 -54.15 -11.93 -30.03
N HIS B 214 -53.26 -12.14 -29.05
CA HIS B 214 -51.84 -12.30 -29.29
C HIS B 214 -51.53 -13.38 -30.33
N ALA B 215 -52.10 -14.57 -30.12
CA ALA B 215 -51.79 -15.69 -31.00
C ALA B 215 -52.34 -15.36 -32.36
N LEU B 216 -53.13 -14.29 -32.44
CA LEU B 216 -53.62 -13.80 -33.73
C LEU B 216 -52.59 -12.88 -34.34
N SER B 217 -52.02 -12.01 -33.43
CA SER B 217 -50.89 -11.30 -33.94
C SER B 217 -49.77 -12.22 -34.37
N GLN B 218 -49.49 -13.30 -33.51
CA GLN B 218 -48.33 -14.17 -33.96
C GLN B 218 -48.76 -14.77 -35.27
N GLU B 219 -50.07 -14.93 -35.46
CA GLU B 219 -50.45 -15.86 -36.47
C GLU B 219 -50.08 -15.33 -37.80
N ARG B 220 -50.44 -14.06 -38.05
CA ARG B 220 -50.13 -13.38 -39.31
C ARG B 220 -48.75 -12.69 -39.42
N ASP B 221 -47.91 -12.76 -38.39
CA ASP B 221 -46.63 -12.05 -38.47
C ASP B 221 -45.41 -12.95 -38.46
N PHE B 222 -45.57 -14.18 -37.97
CA PHE B 222 -44.55 -15.21 -38.14
C PHE B 222 -44.19 -15.25 -39.57
N PRO B 223 -43.02 -15.78 -39.88
CA PRO B 223 -42.60 -15.98 -41.26
C PRO B 223 -42.70 -17.45 -41.65
N GLN B 224 -42.34 -17.79 -42.90
CA GLN B 224 -42.19 -19.22 -43.39
C GLN B 224 -40.81 -19.88 -43.43
N TRP B 225 -40.79 -21.20 -43.27
CA TRP B 225 -39.53 -21.87 -43.47
C TRP B 225 -39.38 -22.51 -44.80
N PRO B 226 -38.46 -21.92 -45.60
CA PRO B 226 -37.86 -22.45 -46.79
C PRO B 226 -37.99 -23.98 -46.85
N MET C 1 50.17 17.47 11.27
CA MET C 1 49.13 18.20 12.02
C MET C 1 49.54 18.33 13.46
N LEU C 2 49.42 19.56 13.95
CA LEU C 2 49.60 19.99 15.33
C LEU C 2 48.45 19.74 16.37
N LEU C 3 48.84 19.35 17.56
CA LEU C 3 47.91 19.25 18.62
C LEU C 3 48.46 20.22 19.63
N HIS C 4 47.75 21.33 19.83
CA HIS C 4 48.13 22.27 20.91
C HIS C 4 47.28 21.82 22.07
N LEU C 5 47.93 21.24 23.05
CA LEU C 5 47.20 20.66 24.14
C LEU C 5 47.34 21.60 25.35
N ILE C 6 46.22 21.90 25.96
CA ILE C 6 46.24 22.71 27.14
C ILE C 6 45.44 21.96 28.21
N TYR C 7 46.02 21.70 29.37
CA TYR C 7 45.20 21.12 30.40
C TYR C 7 45.70 21.58 31.72
N GLY C 8 44.88 21.30 32.72
CA GLY C 8 45.22 21.67 34.11
C GLY C 8 43.99 21.74 35.05
N PRO C 9 44.18 22.26 36.26
CA PRO C 9 43.03 22.25 37.15
C PRO C 9 41.89 23.22 36.86
N THR C 10 40.89 23.12 37.66
CA THR C 10 39.67 23.74 37.30
C THR C 10 39.66 25.21 37.14
N CYS C 11 40.57 26.03 37.64
CA CYS C 11 40.35 27.44 37.08
C CYS C 11 41.55 28.20 36.67
N SER C 12 42.12 27.76 35.59
CA SER C 12 43.45 28.23 35.33
C SER C 12 43.37 29.14 34.12
N GLY C 13 42.13 29.48 33.73
CA GLY C 13 41.83 30.20 32.44
C GLY C 13 42.30 29.40 31.23
N LYS C 14 42.14 28.08 31.26
CA LYS C 14 42.47 27.34 30.08
C LYS C 14 41.61 27.83 28.93
N THR C 15 40.32 27.66 29.04
CA THR C 15 39.39 28.13 28.02
C THR C 15 39.76 29.45 27.35
N ASP C 16 40.00 30.48 28.15
CA ASP C 16 40.27 31.76 27.50
C ASP C 16 41.56 31.67 26.66
N MET C 17 42.48 30.80 27.10
CA MET C 17 43.74 30.68 26.38
C MET C 17 43.41 30.10 25.08
N ALA C 18 42.69 28.97 25.12
CA ALA C 18 42.24 28.28 23.90
C ALA C 18 41.58 29.31 22.95
N ILE C 19 40.59 30.02 23.44
CA ILE C 19 39.91 31.00 22.65
C ILE C 19 40.83 31.99 21.97
N GLN C 20 41.95 32.23 22.58
CA GLN C 20 42.86 33.18 22.07
C GLN C 20 43.58 32.53 20.92
N ILE C 21 44.14 31.35 21.17
CA ILE C 21 44.91 30.65 20.12
C ILE C 21 43.98 30.32 18.95
N ALA C 22 42.73 30.09 19.29
CA ALA C 22 41.70 29.73 18.32
C ALA C 22 41.43 30.90 17.48
N GLN C 23 41.31 32.06 18.12
CA GLN C 23 41.19 33.26 17.43
C GLN C 23 42.35 33.47 16.45
N GLU C 24 43.61 33.33 16.90
CA GLU C 24 44.65 33.91 16.10
C GLU C 24 44.80 33.02 14.90
N THR C 25 44.42 31.80 15.15
CA THR C 25 44.77 30.61 14.34
C THR C 25 43.65 29.99 13.40
N GLY C 26 42.38 30.34 13.61
CA GLY C 26 41.32 29.72 12.91
C GLY C 26 40.95 28.32 13.43
N TRP C 27 41.75 27.71 14.28
CA TRP C 27 41.40 26.31 14.70
C TRP C 27 40.19 26.16 15.68
N PRO C 28 39.51 25.04 15.59
CA PRO C 28 38.45 24.60 16.61
C PRO C 28 39.16 24.20 17.90
N VAL C 29 38.53 24.36 19.02
CA VAL C 29 39.12 23.88 20.19
C VAL C 29 38.34 22.67 20.59
N VAL C 30 38.93 21.49 20.69
CA VAL C 30 38.06 20.43 21.22
C VAL C 30 38.05 20.45 22.73
N ALA C 31 36.89 20.32 23.36
CA ALA C 31 36.87 20.39 24.79
C ALA C 31 37.00 19.02 25.56
N LEU C 32 38.02 18.96 26.42
CA LEU C 32 38.48 17.75 27.10
C LEU C 32 37.60 17.52 28.36
N ASP C 33 36.31 17.40 28.14
CA ASP C 33 35.49 17.42 29.28
C ASP C 33 34.26 16.58 29.21
N ARG C 34 34.27 15.42 29.82
CA ARG C 34 32.96 14.71 30.05
C ARG C 34 31.72 15.55 30.47
N VAL C 35 31.76 16.27 31.59
CA VAL C 35 30.52 16.77 32.16
C VAL C 35 30.01 17.82 31.23
N GLN C 36 30.93 18.55 30.58
CA GLN C 36 30.58 19.65 29.70
C GLN C 36 29.83 19.22 28.50
N CYS C 37 29.32 17.96 28.48
CA CYS C 37 28.78 17.36 27.26
C CYS C 37 27.30 17.27 27.37
N CYS C 38 26.86 17.85 28.51
CA CYS C 38 25.51 17.89 28.84
C CYS C 38 25.07 19.30 28.88
N PRO C 39 24.44 19.77 27.79
CA PRO C 39 24.20 21.20 27.65
C PRO C 39 23.09 21.72 28.62
N GLN C 40 22.23 20.86 29.09
CA GLN C 40 21.32 21.32 30.15
C GLN C 40 22.01 21.67 31.37
N ILE C 41 23.36 21.53 31.39
CA ILE C 41 24.15 22.18 32.46
C ILE C 41 25.34 22.85 31.95
N ALA C 42 25.15 23.34 30.76
CA ALA C 42 26.07 24.31 30.13
C ALA C 42 26.76 25.17 31.21
N THR C 43 25.99 26.08 31.83
CA THR C 43 26.55 27.07 32.74
C THR C 43 27.31 26.38 33.87
N GLY C 44 26.56 25.52 34.53
CA GLY C 44 27.11 24.82 35.69
C GLY C 44 28.39 24.10 35.36
N SER C 45 28.38 23.24 34.37
CA SER C 45 29.64 22.59 33.95
C SER C 45 30.72 23.56 33.33
N GLY C 46 30.52 24.86 33.14
CA GLY C 46 31.67 25.64 32.75
C GLY C 46 31.91 25.95 31.27
N ARG C 47 30.94 25.62 30.36
CA ARG C 47 31.04 25.90 28.95
C ARG C 47 30.96 27.37 29.05
N PRO C 48 31.68 28.13 28.13
CA PRO C 48 31.68 29.56 27.96
C PRO C 48 30.46 30.00 27.30
N LEU C 49 30.18 31.31 27.41
CA LEU C 49 29.02 31.92 26.76
C LEU C 49 29.43 31.99 25.37
N GLU C 50 28.43 32.17 24.51
CA GLU C 50 28.60 32.12 23.12
C GLU C 50 29.37 33.42 22.73
N SER C 51 28.90 34.53 23.26
CA SER C 51 29.65 35.73 23.31
C SER C 51 31.02 35.56 23.92
N GLU C 52 31.37 34.60 24.77
CA GLU C 52 32.81 34.69 25.15
C GLU C 52 33.65 33.95 24.19
N LEU C 53 32.93 33.39 23.22
CA LEU C 53 33.57 32.55 22.26
C LEU C 53 34.27 33.34 21.09
N GLN C 54 33.92 34.63 20.94
CA GLN C 54 34.57 35.39 19.94
C GLN C 54 34.49 34.81 18.55
N SER C 55 33.37 34.16 18.19
CA SER C 55 33.34 33.48 16.84
C SER C 55 34.28 32.27 16.64
N THR C 56 34.89 31.69 17.64
CA THR C 56 35.82 30.65 17.34
C THR C 56 34.95 29.37 17.40
N ARG C 57 35.54 28.22 17.08
CA ARG C 57 34.77 27.02 17.30
C ARG C 57 35.11 26.21 18.63
N ARG C 58 34.13 25.83 19.39
CA ARG C 58 34.46 24.98 20.49
C ARG C 58 33.70 23.57 20.34
N ILE C 59 34.41 22.49 19.99
CA ILE C 59 33.64 21.27 19.77
C ILE C 59 33.40 20.42 21.03
N TYR C 60 32.25 19.78 21.25
CA TYR C 60 32.00 18.74 22.43
C TYR C 60 31.93 17.21 22.05
N LEU C 61 32.57 16.42 22.87
CA LEU C 61 32.79 14.95 22.50
C LEU C 61 31.38 14.27 22.28
N ASP C 62 30.34 14.82 22.91
CA ASP C 62 29.03 14.47 22.40
C ASP C 62 28.10 15.44 22.99
N SER C 63 26.81 15.45 22.66
CA SER C 63 25.95 16.28 23.39
C SER C 63 24.71 15.50 23.92
N ARG C 64 24.43 15.54 25.20
CA ARG C 64 23.41 14.55 25.69
C ARG C 64 22.65 14.93 26.97
N PRO C 65 21.48 14.34 27.11
CA PRO C 65 20.58 14.43 28.30
C PRO C 65 21.37 14.18 29.53
N LEU C 66 21.42 15.14 30.46
CA LEU C 66 21.91 14.81 31.81
C LEU C 66 21.36 13.40 32.24
N THR C 67 20.07 13.17 32.10
CA THR C 67 19.62 11.89 32.57
C THR C 67 20.24 10.66 31.89
N GLU C 68 20.92 10.78 30.78
CA GLU C 68 21.49 9.55 30.17
C GLU C 68 22.80 9.31 30.89
N GLY C 69 23.08 10.03 31.96
CA GLY C 69 24.40 9.91 32.55
C GLY C 69 25.45 10.80 31.93
N ILE C 70 26.52 11.00 32.64
CA ILE C 70 27.55 11.86 32.19
C ILE C 70 28.34 10.93 31.35
N LEU C 71 28.82 11.41 30.18
CA LEU C 71 29.40 10.51 29.18
C LEU C 71 30.53 9.70 29.79
N ASP C 72 30.53 8.38 29.78
CA ASP C 72 31.59 7.72 30.51
C ASP C 72 32.95 7.89 29.85
N ALA C 73 33.99 7.58 30.56
CA ALA C 73 35.35 7.87 30.17
C ALA C 73 35.78 7.19 28.90
N GLU C 74 35.63 5.87 28.85
CA GLU C 74 35.94 5.17 27.62
C GLU C 74 35.44 5.78 26.33
N SER C 75 34.14 6.12 26.24
CA SER C 75 33.58 6.65 24.97
C SER C 75 34.09 8.03 24.73
N ALA C 76 34.00 8.86 25.77
CA ALA C 76 34.62 10.10 25.62
C ALA C 76 35.87 9.84 24.75
N HIS C 77 36.70 8.86 25.15
CA HIS C 77 38.00 8.71 24.50
C HIS C 77 37.95 8.28 23.08
N ARG C 78 37.10 7.29 22.83
CA ARG C 78 36.87 6.84 21.42
C ARG C 78 36.37 8.09 20.66
N ARG C 79 35.27 8.67 21.11
CA ARG C 79 34.86 10.04 20.59
C ARG C 79 35.94 11.06 20.29
N LEU C 80 36.77 11.40 21.27
CA LEU C 80 37.93 12.18 21.08
C LEU C 80 38.75 11.76 19.86
N ILE C 81 39.17 10.49 19.89
CA ILE C 81 39.90 9.96 18.76
C ILE C 81 39.36 10.32 17.39
N PHE C 82 38.09 9.99 17.24
CA PHE C 82 37.33 10.31 16.00
C PHE C 82 37.36 11.81 15.71
N GLU C 83 36.86 12.62 16.67
CA GLU C 83 36.88 14.04 16.49
C GLU C 83 38.25 14.57 16.03
N VAL C 84 39.33 14.08 16.62
CA VAL C 84 40.63 14.41 16.09
C VAL C 84 40.91 13.72 14.73
N ASP C 85 40.59 12.43 14.67
CA ASP C 85 40.95 11.68 13.48
C ASP C 85 40.39 12.23 12.16
N TRP C 86 39.07 12.46 12.07
CA TRP C 86 38.52 12.94 10.78
C TRP C 86 38.95 14.28 10.37
N ARG C 87 39.84 14.92 11.09
CA ARG C 87 40.16 16.29 10.83
C ARG C 87 41.59 16.33 10.44
N LYS C 88 42.16 15.15 10.18
CA LYS C 88 43.65 15.08 10.21
C LYS C 88 44.31 15.81 9.08
N SER C 89 43.52 16.23 8.14
CA SER C 89 44.09 17.00 7.08
C SER C 89 44.12 18.50 7.32
N GLU C 90 43.52 18.98 8.40
CA GLU C 90 43.65 20.36 8.75
C GLU C 90 44.98 20.57 9.44
N GLU C 91 45.28 21.83 9.68
CA GLU C 91 46.60 22.21 10.03
C GLU C 91 46.88 21.93 11.48
N GLY C 92 46.07 22.47 12.40
CA GLY C 92 46.23 22.17 13.84
C GLY C 92 44.86 22.11 14.49
N LEU C 93 44.70 21.30 15.55
CA LEU C 93 43.64 21.52 16.57
C LEU C 93 44.12 21.87 17.97
N ILE C 94 43.29 22.63 18.66
CA ILE C 94 43.53 22.84 20.01
C ILE C 94 42.77 21.79 20.89
N LEU C 95 43.39 21.31 21.97
CA LEU C 95 42.68 20.37 22.88
C LEU C 95 42.89 20.87 24.23
N GLU C 96 41.81 21.06 24.99
CA GLU C 96 41.88 21.89 26.19
C GLU C 96 40.91 21.17 26.99
N GLY C 97 41.22 21.04 28.26
CA GLY C 97 40.19 20.73 29.25
C GLY C 97 40.75 20.24 30.58
N GLY C 98 39.88 19.70 31.43
CA GLY C 98 40.41 19.17 32.62
C GLY C 98 40.05 17.75 33.00
N SER C 99 39.40 16.98 32.12
CA SER C 99 38.98 15.61 32.54
C SER C 99 40.21 14.78 32.95
N ILE C 100 40.24 14.32 34.20
CA ILE C 100 41.29 13.40 34.55
C ILE C 100 41.30 12.14 33.69
N SER C 101 40.17 11.44 33.70
CA SER C 101 40.04 10.16 33.01
C SER C 101 40.33 10.37 31.52
N LEU C 102 40.03 11.54 30.99
CA LEU C 102 40.31 11.69 29.56
C LEU C 102 41.80 11.87 29.24
N LEU C 103 42.59 12.29 30.20
CA LEU C 103 43.98 12.59 29.87
C LEU C 103 44.87 11.43 30.16
N ASN C 104 44.41 10.60 31.06
CA ASN C 104 45.09 9.40 31.35
C ASN C 104 44.85 8.48 30.15
N CYS C 105 43.69 8.67 29.52
CA CYS C 105 43.40 7.82 28.39
C CYS C 105 44.30 8.18 27.28
N MET C 106 44.39 9.47 27.04
CA MET C 106 45.41 9.99 26.15
C MET C 106 46.83 9.50 26.54
N ALA C 107 47.18 9.61 27.81
CA ALA C 107 48.53 9.23 28.24
C ALA C 107 48.79 7.75 27.86
N LYS C 108 48.00 6.83 28.42
CA LYS C 108 48.14 5.38 28.12
C LYS C 108 47.90 4.98 26.64
N SER C 109 47.12 5.72 25.87
CA SER C 109 46.65 5.21 24.57
C SER C 109 47.67 5.39 23.46
N PRO C 110 47.77 4.39 22.57
CA PRO C 110 48.59 4.28 21.35
C PRO C 110 48.31 5.29 20.20
N PHE C 111 47.04 5.62 19.98
CA PHE C 111 46.65 6.54 18.92
C PHE C 111 47.49 7.84 18.91
N TRP C 112 47.66 8.38 20.10
CA TRP C 112 48.26 9.69 20.29
C TRP C 112 49.74 9.62 20.11
N ARG C 113 50.33 8.44 20.34
CA ARG C 113 51.79 8.30 20.24
C ARG C 113 52.26 8.14 18.77
N SER C 114 52.26 9.24 17.99
CA SER C 114 52.57 9.25 16.53
C SER C 114 51.50 9.99 15.74
N GLY C 115 51.87 10.36 14.51
CA GLY C 115 50.99 11.03 13.58
C GLY C 115 50.92 12.53 13.74
N PHE C 116 51.33 13.09 14.89
CA PHE C 116 51.20 14.56 15.07
C PHE C 116 52.35 15.15 15.84
N GLN C 117 52.40 16.49 15.94
CA GLN C 117 53.30 17.16 16.87
C GLN C 117 52.51 17.77 17.97
N TRP C 118 53.16 18.21 19.02
CA TRP C 118 52.40 18.70 20.13
C TRP C 118 52.96 20.03 20.58
N HIS C 119 52.17 20.79 21.30
CA HIS C 119 52.72 21.95 21.99
C HIS C 119 51.94 21.82 23.23
N VAL C 120 52.42 21.02 24.15
CA VAL C 120 51.67 20.81 25.35
C VAL C 120 51.87 22.02 26.27
N LYS C 121 50.85 22.38 27.04
CA LYS C 121 50.98 23.43 27.99
C LYS C 121 50.19 23.06 29.28
N ARG C 122 50.89 22.94 30.42
CA ARG C 122 50.20 22.56 31.66
C ARG C 122 50.13 23.61 32.71
N LEU C 123 48.97 23.85 33.25
CA LEU C 123 48.89 24.84 34.28
C LEU C 123 48.81 24.09 35.57
N ARG C 124 49.33 24.71 36.61
CA ARG C 124 49.33 24.11 37.92
C ARG C 124 48.54 24.94 38.90
N LEU C 125 47.97 24.32 39.89
CA LEU C 125 47.26 25.06 40.88
C LEU C 125 48.36 25.83 41.65
N GLY C 126 48.16 27.13 41.86
CA GLY C 126 49.15 27.95 42.60
C GLY C 126 48.72 27.99 44.05
N ASP C 127 48.79 29.15 44.69
CA ASP C 127 48.30 29.18 46.07
C ASP C 127 46.84 28.98 46.22
N SER C 128 46.50 28.11 47.15
CA SER C 128 45.14 27.96 47.56
C SER C 128 44.53 29.34 47.55
N ASP C 129 45.10 30.22 48.38
CA ASP C 129 44.40 31.47 48.60
C ASP C 129 43.87 32.08 47.29
N ALA C 130 44.73 32.24 46.27
CA ALA C 130 44.37 33.03 45.09
C ALA C 130 43.50 32.24 44.12
N PHE C 131 43.55 30.92 44.29
CA PHE C 131 42.60 30.04 43.66
C PHE C 131 41.26 30.42 44.19
N LEU C 132 40.99 30.36 45.49
CA LEU C 132 39.61 30.69 45.90
C LEU C 132 39.25 32.11 45.41
N THR C 133 40.22 32.99 45.19
CA THR C 133 39.72 34.29 44.81
C THR C 133 39.13 34.18 43.42
N ARG C 134 39.88 33.54 42.55
CA ARG C 134 39.43 33.26 41.23
C ARG C 134 38.09 32.57 41.25
N ALA C 135 37.99 31.50 42.04
CA ALA C 135 36.86 30.53 41.97
C ALA C 135 35.54 31.20 42.38
N LYS C 136 35.62 31.92 43.49
CA LYS C 136 34.55 32.77 43.92
C LYS C 136 34.13 33.67 42.74
N GLN C 137 35.05 34.45 42.13
CA GLN C 137 34.66 35.30 41.01
C GLN C 137 33.90 34.46 39.94
N ARG C 138 34.52 33.34 39.57
CA ARG C 138 33.96 32.51 38.58
C ARG C 138 32.60 32.03 38.98
N VAL C 139 32.38 31.71 40.24
CA VAL C 139 31.08 31.21 40.58
C VAL C 139 30.08 32.31 40.53
N ALA C 140 30.51 33.46 41.03
CA ALA C 140 29.68 34.63 40.99
C ALA C 140 29.17 34.70 39.57
N GLU C 141 30.08 34.68 38.60
CA GLU C 141 29.63 34.71 37.24
C GLU C 141 28.58 33.68 36.94
N MET C 142 28.86 32.40 37.12
CA MET C 142 27.78 31.38 36.97
C MET C 142 26.41 31.70 37.65
N PHE C 143 26.46 32.57 38.65
CA PHE C 143 25.28 32.95 39.37
C PHE C 143 24.66 34.19 38.78
N ALA C 144 25.42 35.02 38.08
CA ALA C 144 24.82 36.15 37.36
C ALA C 144 23.47 35.79 36.66
N ILE C 145 22.42 36.60 36.86
CA ILE C 145 21.24 36.46 35.98
C ILE C 145 21.44 37.09 34.57
N ARG C 146 20.82 36.55 33.52
CA ARG C 146 21.11 36.95 32.11
C ARG C 146 20.10 36.47 31.08
N GLU C 147 19.78 37.36 30.17
CA GLU C 147 18.88 37.00 29.10
C GLU C 147 19.32 35.77 28.29
N ASP C 148 20.60 35.67 27.96
CA ASP C 148 21.10 34.57 27.12
C ASP C 148 21.04 33.22 27.81
N ARG C 149 21.76 33.04 28.94
CA ARG C 149 21.82 31.69 29.48
C ARG C 149 21.34 31.65 30.87
N PRO C 150 20.58 30.59 31.13
CA PRO C 150 20.36 30.26 32.52
C PRO C 150 21.61 30.44 33.49
N SER C 151 21.28 30.27 34.78
CA SER C 151 22.20 30.31 35.85
C SER C 151 22.30 28.84 36.39
N LEU C 152 23.17 28.63 37.38
CA LEU C 152 23.49 27.35 37.68
C LEU C 152 22.29 27.09 38.63
N LEU C 153 21.67 28.15 39.15
CA LEU C 153 20.79 27.77 40.29
C LEU C 153 19.48 27.32 39.64
N GLU C 154 19.42 27.71 38.37
CA GLU C 154 18.23 27.64 37.57
C GLU C 154 18.37 26.35 36.83
N GLU C 155 19.65 26.02 36.54
CA GLU C 155 20.00 24.92 35.65
C GLU C 155 19.67 24.02 36.70
N LEU C 156 19.94 24.48 37.92
CA LEU C 156 19.52 23.66 39.12
C LEU C 156 18.04 23.31 39.29
N ALA C 157 17.09 24.29 39.26
CA ALA C 157 15.69 23.76 39.59
C ALA C 157 15.01 23.06 38.45
N GLU C 158 15.41 23.43 37.23
CA GLU C 158 14.72 22.83 36.10
C GLU C 158 15.04 21.33 36.13
N LEU C 159 16.33 20.95 36.25
CA LEU C 159 16.55 19.55 36.21
C LEU C 159 16.05 19.03 37.56
N TRP C 160 15.78 19.91 38.51
CA TRP C 160 15.51 19.29 39.82
C TRP C 160 14.24 18.48 39.79
N ASN C 161 13.39 18.78 38.83
CA ASN C 161 12.11 18.14 38.62
C ASN C 161 12.14 16.68 38.19
N TYR C 162 12.80 16.36 37.09
CA TYR C 162 12.91 14.96 36.73
C TYR C 162 13.86 14.27 37.70
N PRO C 163 13.32 13.35 38.50
CA PRO C 163 14.01 12.77 39.64
C PRO C 163 15.28 12.06 39.16
N ALA C 164 15.31 11.57 37.92
CA ALA C 164 16.53 10.87 37.56
C ALA C 164 17.79 11.87 37.38
N ALA C 165 17.57 13.21 37.42
CA ALA C 165 18.71 14.12 37.39
C ALA C 165 19.45 14.17 38.67
N ARG C 166 18.72 13.79 39.74
CA ARG C 166 19.15 14.05 41.15
C ARG C 166 20.35 13.18 41.56
N PRO C 167 20.24 11.85 41.41
CA PRO C 167 21.43 11.08 41.98
C PRO C 167 22.56 11.62 41.12
N ILE C 168 22.38 11.70 39.74
CA ILE C 168 23.44 12.34 38.90
C ILE C 168 23.79 13.72 39.40
N LEU C 169 22.89 14.72 39.35
CA LEU C 169 23.14 16.05 40.01
C LEU C 169 24.08 16.10 41.32
N GLU C 170 23.78 15.29 42.31
CA GLU C 170 24.53 15.38 43.45
C GLU C 170 25.92 14.83 43.09
N ASP C 171 26.14 14.36 41.89
CA ASP C 171 27.48 13.85 41.68
C ASP C 171 28.57 14.77 40.96
N ILE C 172 28.07 15.80 40.27
CA ILE C 172 28.83 16.68 39.51
C ILE C 172 29.13 17.82 40.40
N ASP C 173 30.27 18.49 40.27
CA ASP C 173 30.56 19.48 41.29
C ASP C 173 29.46 20.57 41.50
N GLY C 174 29.60 21.40 42.52
CA GLY C 174 28.90 22.67 42.47
C GLY C 174 27.42 22.55 42.47
N TYR C 175 26.83 21.73 41.63
CA TYR C 175 25.53 21.12 42.01
C TYR C 175 25.49 20.46 43.50
N ARG C 176 26.41 19.54 43.77
CA ARG C 176 26.55 18.82 45.04
C ARG C 176 26.51 19.85 46.10
N CYS C 177 27.54 20.65 46.09
CA CYS C 177 27.53 21.79 46.96
C CYS C 177 26.15 22.48 47.09
N ALA C 178 25.66 22.94 45.94
CA ALA C 178 24.40 23.64 45.93
C ALA C 178 23.25 22.85 46.59
N ILE C 179 23.12 21.54 46.31
CA ILE C 179 22.06 20.72 47.01
C ILE C 179 22.15 20.45 48.52
N ARG C 180 23.35 20.07 48.99
CA ARG C 180 23.70 19.88 50.39
C ARG C 180 23.64 21.23 51.06
N PHE C 181 24.31 22.24 50.41
CA PHE C 181 24.08 23.57 51.03
C PHE C 181 22.53 23.71 51.38
N ALA C 182 21.70 23.27 50.41
CA ALA C 182 20.27 23.51 50.44
C ALA C 182 19.74 22.66 51.57
N ARG C 183 20.10 21.36 51.62
CA ARG C 183 19.46 20.43 52.53
C ARG C 183 20.01 20.70 53.92
N LYS C 184 20.78 21.78 54.05
CA LYS C 184 21.34 22.16 55.31
C LYS C 184 20.50 23.25 55.86
N HIS C 185 20.41 24.35 55.21
CA HIS C 185 19.54 25.36 55.74
C HIS C 185 18.05 25.06 55.40
N ASP C 186 17.80 23.84 54.89
CA ASP C 186 16.40 23.54 54.65
C ASP C 186 15.64 24.48 53.66
N LEU C 187 16.29 24.92 52.54
CA LEU C 187 15.53 25.58 51.42
C LEU C 187 15.50 24.62 50.25
N ALA C 188 14.34 24.60 49.54
CA ALA C 188 14.11 23.58 48.54
C ALA C 188 14.89 24.09 47.35
N ILE C 189 15.32 23.17 46.46
CA ILE C 189 16.23 23.64 45.40
C ILE C 189 15.68 24.85 44.65
N SER C 190 14.35 24.94 44.67
CA SER C 190 13.67 25.88 43.78
C SER C 190 13.87 27.33 44.20
N GLN C 191 14.99 27.71 44.80
CA GLN C 191 14.76 28.72 45.84
C GLN C 191 16.04 29.33 46.22
N LEU C 192 17.04 28.48 46.20
CA LEU C 192 18.41 28.90 46.17
C LEU C 192 18.68 30.15 45.31
N PRO C 193 17.94 30.32 44.18
CA PRO C 193 17.95 31.64 43.52
C PRO C 193 17.66 32.78 44.51
N ASN C 194 16.58 32.72 45.34
CA ASN C 194 16.30 33.82 46.34
C ASN C 194 17.00 33.56 47.63
N ILE C 195 18.09 34.29 47.82
CA ILE C 195 18.91 33.99 48.93
C ILE C 195 19.47 35.28 49.51
N ASP C 196 18.88 35.68 50.63
CA ASP C 196 19.24 36.94 51.26
C ASP C 196 20.74 37.07 51.29
N ALA C 197 21.27 37.77 50.25
CA ALA C 197 22.70 38.14 50.08
C ALA C 197 23.72 37.74 51.17
N GLY C 198 23.26 37.63 52.44
CA GLY C 198 24.06 37.07 53.55
C GLY C 198 24.49 35.64 53.19
N ARG C 199 23.58 34.90 52.57
CA ARG C 199 23.75 33.48 52.47
C ARG C 199 24.31 33.09 51.10
N HIS C 200 24.05 33.93 50.11
CA HIS C 200 24.85 33.95 48.89
C HIS C 200 26.35 33.77 49.16
N VAL C 201 26.97 34.73 49.80
CA VAL C 201 28.38 34.54 50.09
C VAL C 201 28.85 33.19 50.63
N GLU C 202 28.09 32.59 51.56
CA GLU C 202 28.39 31.22 52.02
C GLU C 202 28.09 30.07 51.04
N LEU C 203 26.88 30.08 50.46
CA LEU C 203 26.63 29.25 49.31
C LEU C 203 27.76 29.30 48.32
N ILE C 204 28.29 30.49 47.98
CA ILE C 204 29.43 30.64 47.04
C ILE C 204 30.63 30.21 47.79
N GLU C 205 30.87 30.83 48.90
CA GLU C 205 32.16 30.52 49.44
C GLU C 205 32.36 29.00 49.34
N ALA C 206 31.29 28.26 49.62
CA ALA C 206 31.26 26.79 49.61
C ALA C 206 31.62 26.24 48.27
N ILE C 207 30.83 26.48 47.24
CA ILE C 207 31.23 26.04 45.93
C ILE C 207 32.71 26.32 45.58
N ALA C 208 33.13 27.58 45.67
CA ALA C 208 34.56 27.88 45.56
C ALA C 208 35.42 26.74 46.21
N ASN C 209 35.15 26.35 47.46
CA ASN C 209 35.93 25.25 48.09
C ASN C 209 35.73 23.91 47.45
N GLU C 210 34.56 23.65 46.87
CA GLU C 210 34.38 22.34 46.31
C GLU C 210 35.46 22.22 45.30
N TYR C 211 35.63 23.30 44.53
CA TYR C 211 36.43 23.30 43.32
C TYR C 211 37.90 23.17 43.64
N LEU C 212 38.22 23.68 44.79
CA LEU C 212 39.58 23.69 45.30
C LEU C 212 40.01 22.26 45.36
N GLU C 213 39.35 21.61 46.29
CA GLU C 213 39.33 20.23 46.51
C GLU C 213 39.36 19.50 45.20
N HIS C 214 38.54 19.95 44.25
CA HIS C 214 38.65 19.48 42.84
C HIS C 214 40.02 19.63 42.19
N ALA C 215 40.52 20.85 42.06
CA ALA C 215 41.80 21.00 41.41
C ALA C 215 42.71 20.16 42.24
N LEU C 216 42.33 19.98 43.49
CA LEU C 216 43.25 19.29 44.38
C LEU C 216 43.42 17.82 44.06
N SER C 217 42.32 17.23 43.63
CA SER C 217 42.34 15.91 43.16
C SER C 217 42.87 15.92 41.78
N GLN C 218 42.70 17.01 41.04
CA GLN C 218 43.03 16.91 39.62
C GLN C 218 44.52 16.90 39.66
N GLU C 219 45.02 17.85 40.41
CA GLU C 219 46.45 18.05 40.63
C GLU C 219 47.20 16.76 40.88
N ARG C 220 46.67 15.91 41.75
CA ARG C 220 47.43 14.75 42.11
C ARG C 220 47.29 13.66 41.05
N ASP C 221 46.16 13.61 40.31
CA ASP C 221 45.94 12.47 39.40
C ASP C 221 46.18 12.71 37.91
N PHE C 222 46.41 13.96 37.48
CA PHE C 222 46.65 14.24 36.05
C PHE C 222 47.79 13.41 35.62
N PRO C 223 47.90 13.12 34.35
CA PRO C 223 49.31 12.76 34.31
C PRO C 223 50.21 13.99 34.01
N GLN C 224 51.49 13.71 33.67
CA GLN C 224 52.39 14.71 33.02
C GLN C 224 52.77 14.25 31.61
N TRP C 225 52.91 15.19 30.69
CA TRP C 225 53.09 14.82 29.30
C TRP C 225 54.49 14.56 28.80
N PRO C 226 54.70 13.32 28.30
CA PRO C 226 55.90 12.83 27.66
C PRO C 226 56.69 13.96 26.99
N MET D 1 -34.23 -17.36 4.06
CA MET D 1 -33.49 -18.05 2.94
C MET D 1 -32.00 -18.15 3.24
N LEU D 2 -31.49 -19.36 3.06
CA LEU D 2 -30.16 -19.77 3.41
C LEU D 2 -29.18 -19.64 2.32
N LEU D 3 -27.99 -19.22 2.68
CA LEU D 3 -26.89 -19.10 1.71
C LEU D 3 -25.79 -20.07 2.12
N HIS D 4 -25.80 -21.26 1.52
CA HIS D 4 -24.70 -22.17 1.78
C HIS D 4 -23.51 -21.65 0.96
N LEU D 5 -22.51 -21.12 1.63
CA LEU D 5 -21.48 -20.51 0.80
C LEU D 5 -20.25 -21.36 0.86
N ILE D 6 -19.57 -21.62 -0.23
CA ILE D 6 -18.46 -22.51 -0.23
C ILE D 6 -17.43 -21.81 -1.01
N TYR D 7 -16.27 -21.56 -0.42
CA TYR D 7 -15.25 -20.99 -1.27
C TYR D 7 -13.89 -21.40 -0.84
N GLY D 8 -12.91 -21.09 -1.67
CA GLY D 8 -11.52 -21.56 -1.45
C GLY D 8 -10.68 -21.68 -2.69
N PRO D 9 -9.46 -22.17 -2.56
CA PRO D 9 -8.60 -22.15 -3.70
C PRO D 9 -9.00 -23.08 -4.86
N THR D 10 -8.22 -22.93 -5.93
CA THR D 10 -8.53 -23.52 -7.17
C THR D 10 -8.74 -25.04 -7.20
N CYS D 11 -8.30 -25.90 -6.28
CA CYS D 11 -8.79 -27.29 -6.42
C CYS D 11 -9.07 -27.97 -5.15
N SER D 12 -10.18 -27.56 -4.59
CA SER D 12 -10.37 -28.02 -3.25
C SER D 12 -11.60 -28.91 -3.36
N GLY D 13 -12.02 -29.25 -4.59
CA GLY D 13 -13.26 -30.01 -4.79
C GLY D 13 -14.48 -29.24 -4.30
N LYS D 14 -14.46 -27.93 -4.43
CA LYS D 14 -15.65 -27.16 -4.11
C LYS D 14 -16.86 -27.69 -4.91
N THR D 15 -16.80 -27.51 -6.23
CA THR D 15 -17.81 -28.04 -7.10
C THR D 15 -18.43 -29.37 -6.61
N ASP D 16 -17.64 -30.44 -6.46
CA ASP D 16 -18.28 -31.72 -6.13
C ASP D 16 -19.04 -31.61 -4.82
N MET D 17 -18.54 -30.78 -3.92
CA MET D 17 -19.27 -30.53 -2.69
C MET D 17 -20.61 -29.94 -3.06
N ALA D 18 -20.61 -28.84 -3.83
CA ALA D 18 -21.86 -28.17 -4.15
C ALA D 18 -22.81 -29.16 -4.79
N ILE D 19 -22.31 -29.83 -5.80
CA ILE D 19 -23.11 -30.87 -6.43
C ILE D 19 -23.78 -31.83 -5.44
N GLN D 20 -23.04 -32.24 -4.42
CA GLN D 20 -23.62 -33.10 -3.37
C GLN D 20 -24.77 -32.37 -2.64
N ILE D 21 -24.50 -31.17 -2.13
CA ILE D 21 -25.46 -30.52 -1.30
C ILE D 21 -26.67 -30.25 -2.17
N ALA D 22 -26.36 -29.94 -3.44
CA ALA D 22 -27.37 -29.62 -4.47
C ALA D 22 -28.26 -30.85 -4.66
N GLN D 23 -27.65 -31.99 -4.94
CA GLN D 23 -28.36 -33.23 -4.94
C GLN D 23 -29.25 -33.45 -3.74
N GLU D 24 -28.79 -33.30 -2.51
CA GLU D 24 -29.59 -33.81 -1.42
C GLU D 24 -30.80 -32.87 -1.27
N THR D 25 -30.56 -31.68 -1.77
CA THR D 25 -31.22 -30.47 -1.35
C THR D 25 -32.20 -29.93 -2.41
N GLY D 26 -31.88 -30.20 -3.68
CA GLY D 26 -32.69 -29.70 -4.77
C GLY D 26 -32.41 -28.27 -5.09
N TRP D 27 -31.57 -27.60 -4.32
CA TRP D 27 -31.13 -26.23 -4.68
C TRP D 27 -30.16 -26.09 -5.89
N PRO D 28 -30.22 -24.96 -6.59
CA PRO D 28 -29.30 -24.57 -7.57
C PRO D 28 -28.07 -24.12 -6.90
N VAL D 29 -26.95 -24.30 -7.61
CA VAL D 29 -25.63 -23.79 -7.14
C VAL D 29 -25.25 -22.55 -8.04
N VAL D 30 -25.12 -21.34 -7.51
CA VAL D 30 -24.63 -20.27 -8.35
C VAL D 30 -23.14 -20.31 -8.27
N ALA D 31 -22.53 -20.22 -9.45
CA ALA D 31 -21.05 -20.24 -9.58
C ALA D 31 -20.31 -18.89 -9.40
N LEU D 32 -19.48 -18.82 -8.40
CA LEU D 32 -18.83 -17.64 -7.97
C LEU D 32 -17.65 -17.45 -8.86
N ASP D 33 -17.87 -17.30 -10.14
CA ASP D 33 -16.67 -17.31 -11.00
C ASP D 33 -16.73 -16.44 -12.20
N ARG D 34 -16.04 -15.35 -12.29
CA ARG D 34 -16.06 -14.67 -13.57
C ARG D 34 -15.67 -15.56 -14.71
N VAL D 35 -14.55 -16.30 -14.65
CA VAL D 35 -14.01 -16.82 -15.93
C VAL D 35 -14.96 -17.81 -16.58
N GLN D 36 -15.70 -18.44 -15.74
CA GLN D 36 -16.37 -19.62 -16.14
C GLN D 36 -17.59 -19.21 -16.89
N CYS D 37 -17.75 -17.92 -17.12
CA CYS D 37 -18.97 -17.40 -17.68
C CYS D 37 -18.77 -17.39 -19.12
N CYS D 38 -17.64 -17.92 -19.53
CA CYS D 38 -17.30 -17.96 -20.96
C CYS D 38 -17.33 -19.41 -21.42
N PRO D 39 -18.51 -19.82 -21.93
CA PRO D 39 -18.64 -21.22 -22.19
C PRO D 39 -17.71 -21.64 -23.34
N GLN D 40 -17.26 -20.75 -24.21
CA GLN D 40 -16.23 -21.26 -25.12
C GLN D 40 -14.95 -21.65 -24.42
N ILE D 41 -14.91 -21.53 -23.12
CA ILE D 41 -13.83 -22.15 -22.40
C ILE D 41 -14.34 -22.86 -21.22
N ALA D 42 -15.57 -23.33 -21.39
CA ALA D 42 -16.10 -24.42 -20.50
C ALA D 42 -15.06 -25.22 -19.82
N THR D 43 -14.56 -26.25 -20.53
CA THR D 43 -13.57 -27.13 -19.92
C THR D 43 -12.37 -26.43 -19.27
N GLY D 44 -11.73 -25.53 -20.03
CA GLY D 44 -10.52 -24.85 -19.54
C GLY D 44 -10.78 -24.13 -18.25
N SER D 45 -11.91 -23.43 -18.17
CA SER D 45 -12.18 -22.56 -17.03
C SER D 45 -12.72 -23.37 -15.91
N GLY D 46 -12.93 -24.64 -16.12
CA GLY D 46 -13.29 -25.47 -14.98
C GLY D 46 -14.74 -25.78 -14.84
N ARG D 47 -15.67 -25.44 -15.80
CA ARG D 47 -17.09 -25.88 -15.62
C ARG D 47 -17.08 -27.40 -15.59
N PRO D 48 -17.92 -28.05 -14.77
CA PRO D 48 -18.03 -29.52 -14.72
C PRO D 48 -18.68 -30.03 -15.97
N LEU D 49 -18.63 -31.35 -16.19
CA LEU D 49 -19.35 -31.95 -17.30
C LEU D 49 -20.79 -31.97 -16.89
N GLU D 50 -21.61 -32.25 -17.87
CA GLU D 50 -22.98 -32.08 -17.66
C GLU D 50 -23.34 -33.35 -16.96
N SER D 51 -22.68 -34.41 -17.40
CA SER D 51 -22.74 -35.66 -16.66
C SER D 51 -22.19 -35.56 -15.22
N GLU D 52 -21.19 -34.73 -14.92
CA GLU D 52 -20.82 -34.71 -13.47
C GLU D 52 -21.90 -34.03 -12.61
N LEU D 53 -22.97 -33.56 -13.26
CA LEU D 53 -23.81 -32.56 -12.66
C LEU D 53 -24.84 -33.23 -11.92
N GLN D 54 -25.03 -34.50 -12.33
CA GLN D 54 -26.02 -35.35 -11.67
C GLN D 54 -27.44 -34.81 -11.72
N SER D 55 -27.92 -34.26 -12.82
CA SER D 55 -29.21 -33.50 -12.84
C SER D 55 -29.41 -32.34 -11.82
N THR D 56 -28.37 -31.85 -11.15
CA THR D 56 -28.51 -30.64 -10.35
C THR D 56 -28.45 -29.41 -11.28
N ARG D 57 -28.77 -28.21 -10.79
CA ARG D 57 -28.60 -26.97 -11.54
C ARG D 57 -27.32 -26.22 -11.08
N ARG D 58 -26.48 -25.84 -12.01
CA ARG D 58 -25.41 -24.90 -11.79
C ARG D 58 -25.76 -23.59 -12.57
N ILE D 59 -25.94 -22.46 -11.95
CA ILE D 59 -26.24 -21.19 -12.66
C ILE D 59 -24.98 -20.30 -12.88
N TYR D 60 -24.79 -19.60 -14.02
CA TYR D 60 -23.66 -18.73 -14.20
C TYR D 60 -23.99 -17.19 -14.29
N LEU D 61 -23.05 -16.33 -13.86
CA LEU D 61 -23.46 -14.94 -13.64
C LEU D 61 -23.88 -14.36 -14.97
N ASP D 62 -23.36 -14.97 -16.02
CA ASP D 62 -23.81 -14.51 -17.33
C ASP D 62 -23.06 -15.38 -18.30
N SER D 63 -23.44 -15.44 -19.57
CA SER D 63 -22.70 -16.25 -20.50
C SER D 63 -22.43 -15.36 -21.65
N ARG D 64 -21.17 -15.33 -22.14
CA ARG D 64 -20.69 -14.39 -23.10
C ARG D 64 -19.39 -14.80 -23.80
N PRO D 65 -19.20 -14.24 -25.03
CA PRO D 65 -18.15 -14.50 -25.98
C PRO D 65 -16.83 -14.22 -25.38
N LEU D 66 -15.86 -15.14 -25.43
CA LEU D 66 -14.55 -14.79 -24.89
C LEU D 66 -14.24 -13.30 -25.35
N THR D 67 -14.43 -13.03 -26.62
CA THR D 67 -13.87 -11.81 -27.09
C THR D 67 -14.56 -10.60 -26.45
N GLU D 68 -15.66 -10.83 -25.72
CA GLU D 68 -16.31 -9.68 -25.11
C GLU D 68 -15.61 -9.46 -23.79
N GLY D 69 -14.44 -10.03 -23.62
CA GLY D 69 -13.73 -9.90 -22.33
C GLY D 69 -14.32 -10.74 -21.20
N ILE D 70 -13.45 -11.00 -20.23
CA ILE D 70 -13.94 -11.75 -19.08
C ILE D 70 -14.88 -10.81 -18.30
N LEU D 71 -15.92 -11.34 -17.71
CA LEU D 71 -16.93 -10.47 -17.19
C LEU D 71 -16.21 -9.69 -16.15
N ASP D 72 -16.23 -8.35 -16.21
CA ASP D 72 -15.55 -7.60 -15.12
C ASP D 72 -16.20 -7.82 -13.71
N ALA D 73 -15.43 -7.45 -12.70
CA ALA D 73 -15.78 -7.79 -11.34
C ALA D 73 -17.09 -7.12 -10.85
N GLU D 74 -17.21 -5.80 -11.01
CA GLU D 74 -18.39 -5.11 -10.60
C GLU D 74 -19.66 -5.70 -11.07
N SER D 75 -19.72 -6.07 -12.35
CA SER D 75 -20.98 -6.58 -12.92
C SER D 75 -21.32 -7.92 -12.38
N ALA D 76 -20.38 -8.83 -12.53
CA ALA D 76 -20.52 -10.09 -11.84
C ALA D 76 -21.33 -9.82 -10.53
N HIS D 77 -20.89 -8.81 -9.76
CA HIS D 77 -21.44 -8.60 -8.45
C HIS D 77 -22.85 -8.18 -8.54
N ARG D 78 -23.17 -7.35 -9.51
CA ARG D 78 -24.51 -6.80 -9.55
C ARG D 78 -25.38 -8.04 -9.98
N ARG D 79 -24.92 -8.71 -11.01
CA ARG D 79 -25.50 -9.95 -11.53
C ARG D 79 -25.68 -11.05 -10.45
N LEU D 80 -24.65 -11.33 -9.65
CA LEU D 80 -24.85 -12.15 -8.45
C LEU D 80 -26.07 -11.68 -7.57
N ILE D 81 -26.04 -10.46 -7.10
CA ILE D 81 -27.10 -9.91 -6.35
C ILE D 81 -28.41 -10.25 -6.95
N PHE D 82 -28.56 -9.97 -8.22
CA PHE D 82 -29.81 -10.21 -8.90
C PHE D 82 -30.13 -11.71 -8.86
N GLU D 83 -29.20 -12.57 -9.30
CA GLU D 83 -29.49 -13.98 -9.34
C GLU D 83 -29.92 -14.51 -7.96
N VAL D 84 -29.28 -14.06 -6.85
CA VAL D 84 -29.77 -14.35 -5.54
C VAL D 84 -31.07 -13.59 -5.27
N ASP D 85 -31.10 -12.31 -5.57
CA ASP D 85 -32.31 -11.56 -5.28
C ASP D 85 -33.65 -12.14 -5.80
N TRP D 86 -33.85 -12.30 -7.08
CA TRP D 86 -35.16 -12.82 -7.53
C TRP D 86 -35.55 -14.22 -7.11
N ARG D 87 -34.71 -14.92 -6.35
CA ARG D 87 -35.07 -16.30 -5.92
C ARG D 87 -35.42 -16.26 -4.47
N LYS D 88 -35.57 -15.04 -3.89
CA LYS D 88 -35.52 -14.93 -2.42
C LYS D 88 -36.60 -15.70 -1.69
N SER D 89 -37.58 -16.18 -2.44
CA SER D 89 -38.66 -16.95 -1.84
C SER D 89 -38.44 -18.45 -1.78
N GLU D 90 -37.39 -18.91 -2.46
CA GLU D 90 -36.93 -20.31 -2.29
C GLU D 90 -36.16 -20.51 -1.01
N GLU D 91 -35.99 -21.80 -0.69
CA GLU D 91 -35.60 -22.18 0.63
C GLU D 91 -34.16 -21.84 0.86
N GLY D 92 -33.27 -22.37 0.03
CA GLY D 92 -31.85 -22.04 0.11
C GLY D 92 -31.22 -21.96 -1.26
N LEU D 93 -30.16 -21.19 -1.37
CA LEU D 93 -29.21 -21.45 -2.43
C LEU D 93 -27.79 -21.83 -2.03
N ILE D 94 -27.13 -22.56 -2.91
CA ILE D 94 -25.70 -22.72 -2.78
C ILE D 94 -24.95 -21.67 -3.54
N LEU D 95 -23.85 -21.15 -2.97
CA LEU D 95 -22.92 -20.25 -3.68
C LEU D 95 -21.53 -20.78 -3.50
N GLU D 96 -20.82 -20.99 -4.61
CA GLU D 96 -19.62 -21.77 -4.60
C GLU D 96 -18.77 -21.13 -5.64
N GLY D 97 -17.51 -20.94 -5.32
CA GLY D 97 -16.59 -20.56 -6.35
C GLY D 97 -15.28 -20.13 -5.79
N GLY D 98 -14.45 -19.60 -6.70
CA GLY D 98 -13.13 -19.08 -6.36
C GLY D 98 -12.78 -17.62 -6.73
N SER D 99 -13.68 -16.87 -7.32
CA SER D 99 -13.29 -15.50 -7.70
C SER D 99 -12.95 -14.60 -6.50
N ILE D 100 -11.70 -14.15 -6.46
CA ILE D 100 -11.29 -13.24 -5.42
C ILE D 100 -12.15 -11.99 -5.40
N SER D 101 -12.17 -11.30 -6.56
CA SER D 101 -12.86 -10.02 -6.67
C SER D 101 -14.36 -10.22 -6.35
N LEU D 102 -14.93 -11.34 -6.74
CA LEU D 102 -16.34 -11.54 -6.39
C LEU D 102 -16.58 -11.73 -4.84
N LEU D 103 -15.55 -12.04 -4.06
CA LEU D 103 -15.80 -12.42 -2.68
C LEU D 103 -15.51 -11.28 -1.83
N ASN D 104 -14.61 -10.46 -2.31
CA ASN D 104 -14.34 -9.24 -1.60
C ASN D 104 -15.54 -8.30 -1.81
N CYS D 105 -16.17 -8.44 -2.98
CA CYS D 105 -17.39 -7.69 -3.24
C CYS D 105 -18.48 -8.08 -2.30
N MET D 106 -18.70 -9.39 -2.17
CA MET D 106 -19.57 -9.87 -1.14
C MET D 106 -19.14 -9.39 0.25
N ALA D 107 -17.85 -9.52 0.60
CA ALA D 107 -17.37 -9.04 1.91
C ALA D 107 -17.74 -7.55 2.19
N LYS D 108 -17.22 -6.64 1.37
CA LYS D 108 -17.50 -5.21 1.52
C LYS D 108 -18.96 -4.80 1.36
N SER D 109 -19.76 -5.53 0.59
CA SER D 109 -21.10 -5.04 0.18
C SER D 109 -22.21 -5.21 1.22
N PRO D 110 -23.07 -4.19 1.31
CA PRO D 110 -24.27 -4.11 2.14
C PRO D 110 -25.39 -5.14 1.81
N PHE D 111 -25.56 -5.51 0.53
CA PHE D 111 -26.64 -6.42 0.22
C PHE D 111 -26.70 -7.69 1.05
N TRP D 112 -25.51 -8.24 1.23
CA TRP D 112 -25.31 -9.53 1.89
C TRP D 112 -25.47 -9.46 3.39
N ARG D 113 -25.23 -8.28 3.96
CA ARG D 113 -25.29 -8.11 5.42
C ARG D 113 -26.74 -7.95 5.93
N SER D 114 -27.52 -9.04 5.90
CA SER D 114 -28.93 -9.06 6.28
C SER D 114 -29.77 -9.79 5.22
N GLY D 115 -30.98 -10.19 5.62
CA GLY D 115 -31.93 -10.88 4.76
C GLY D 115 -31.77 -12.39 4.70
N PHE D 116 -30.62 -12.95 5.11
CA PHE D 116 -30.45 -14.42 5.02
C PHE D 116 -29.60 -14.99 6.14
N GLN D 117 -29.55 -16.32 6.24
CA GLN D 117 -28.58 -16.98 7.10
C GLN D 117 -27.51 -17.59 6.24
N TRP D 118 -26.43 -17.99 6.86
CA TRP D 118 -25.29 -18.50 6.15
C TRP D 118 -24.85 -19.83 6.68
N HIS D 119 -24.12 -20.57 5.90
CA HIS D 119 -23.48 -21.76 6.34
C HIS D 119 -22.23 -21.65 5.53
N VAL D 120 -21.29 -20.89 6.01
CA VAL D 120 -20.10 -20.66 5.24
C VAL D 120 -19.16 -21.85 5.38
N LYS D 121 -18.39 -22.18 4.37
CA LYS D 121 -17.48 -23.26 4.49
C LYS D 121 -16.23 -22.89 3.71
N ARG D 122 -15.08 -22.74 4.36
CA ARG D 122 -13.84 -22.34 3.61
C ARG D 122 -12.78 -23.39 3.45
N LEU D 123 -12.33 -23.68 2.24
CA LEU D 123 -11.28 -24.65 2.14
C LEU D 123 -9.98 -23.92 2.02
N ARG D 124 -8.92 -24.53 2.53
CA ARG D 124 -7.61 -23.92 2.53
C ARG D 124 -6.69 -24.78 1.71
N LEU D 125 -5.72 -24.14 1.09
CA LEU D 125 -4.69 -24.86 0.40
C LEU D 125 -3.87 -25.62 1.51
N GLY D 126 -3.67 -26.92 1.32
CA GLY D 126 -2.93 -27.76 2.25
C GLY D 126 -1.48 -27.77 1.84
N ASP D 127 -0.82 -28.91 1.88
CA ASP D 127 0.51 -28.93 1.32
C ASP D 127 0.54 -28.70 -0.18
N SER D 128 1.47 -27.84 -0.58
CA SER D 128 1.92 -27.74 -1.96
C SER D 128 1.93 -29.09 -2.58
N ASP D 129 2.83 -29.93 -2.10
CA ASP D 129 2.97 -31.24 -2.72
C ASP D 129 1.65 -31.91 -3.17
N ALA D 130 0.68 -32.09 -2.26
CA ALA D 130 -0.54 -32.84 -2.56
C ALA D 130 -1.53 -32.01 -3.40
N PHE D 131 -1.38 -30.70 -3.35
CA PHE D 131 -2.05 -29.84 -4.29
C PHE D 131 -1.61 -30.24 -5.66
N LEU D 132 -0.34 -30.10 -6.00
CA LEU D 132 0.08 -30.47 -7.36
C LEU D 132 -0.39 -31.90 -7.70
N THR D 133 -0.51 -32.80 -6.75
CA THR D 133 -0.96 -34.11 -7.20
C THR D 133 -2.40 -34.02 -7.71
N ARG D 134 -3.27 -33.38 -6.94
CA ARG D 134 -4.61 -33.08 -7.38
C ARG D 134 -4.64 -32.35 -8.72
N ALA D 135 -3.87 -31.25 -8.81
CA ALA D 135 -3.94 -30.36 -9.97
C ALA D 135 -3.56 -31.09 -11.25
N LYS D 136 -2.40 -31.75 -11.21
CA LYS D 136 -2.01 -32.66 -12.26
C LYS D 136 -3.21 -33.52 -12.68
N GLN D 137 -3.84 -34.24 -11.75
CA GLN D 137 -4.95 -35.14 -12.14
C GLN D 137 -6.03 -34.36 -12.81
N ARG D 138 -6.37 -33.25 -12.20
CA ARG D 138 -7.39 -32.42 -12.74
C ARG D 138 -7.01 -31.91 -14.13
N VAL D 139 -5.78 -31.53 -14.36
CA VAL D 139 -5.47 -31.08 -15.70
C VAL D 139 -5.54 -32.24 -16.68
N ALA D 140 -5.16 -33.43 -16.21
CA ALA D 140 -5.15 -34.57 -17.11
C ALA D 140 -6.60 -34.66 -17.55
N GLU D 141 -7.52 -34.39 -16.64
CA GLU D 141 -8.88 -34.58 -17.03
C GLU D 141 -9.17 -33.57 -18.10
N MET D 142 -8.85 -32.31 -17.88
CA MET D 142 -9.18 -31.34 -18.87
C MET D 142 -8.54 -31.64 -20.24
N PHE D 143 -7.55 -32.54 -20.25
CA PHE D 143 -6.82 -32.86 -21.50
C PHE D 143 -7.39 -34.11 -22.11
N ALA D 144 -8.08 -34.93 -21.33
CA ALA D 144 -8.81 -36.09 -21.86
C ALA D 144 -9.59 -35.79 -23.15
N ILE D 145 -9.44 -36.60 -24.20
CA ILE D 145 -10.35 -36.43 -25.37
C ILE D 145 -11.76 -37.01 -25.12
N ARG D 146 -12.82 -36.43 -25.68
CA ARG D 146 -14.17 -36.95 -25.41
C ARG D 146 -15.24 -36.49 -26.39
N GLU D 147 -16.23 -37.35 -26.60
CA GLU D 147 -17.27 -37.00 -27.54
C GLU D 147 -18.07 -35.78 -27.10
N ASP D 148 -18.35 -35.68 -25.81
CA ASP D 148 -19.17 -34.57 -25.30
C ASP D 148 -18.46 -33.24 -25.46
N ARG D 149 -17.38 -33.04 -24.73
CA ARG D 149 -16.75 -31.69 -24.63
C ARG D 149 -15.53 -31.54 -25.56
N PRO D 150 -15.31 -30.30 -26.08
CA PRO D 150 -14.07 -29.91 -26.71
C PRO D 150 -13.12 -30.19 -25.63
N SER D 151 -11.80 -30.24 -25.79
CA SER D 151 -10.97 -30.30 -24.59
C SER D 151 -10.20 -29.03 -24.43
N LEU D 152 -9.32 -28.92 -23.44
CA LEU D 152 -8.71 -27.61 -23.10
C LEU D 152 -7.93 -27.00 -24.28
N LEU D 153 -7.12 -27.89 -24.85
CA LEU D 153 -6.20 -27.60 -25.89
C LEU D 153 -7.02 -27.42 -27.14
N GLU D 154 -7.99 -28.33 -27.39
CA GLU D 154 -8.90 -28.06 -28.51
C GLU D 154 -9.66 -26.77 -28.26
N GLU D 155 -10.08 -26.36 -27.06
CA GLU D 155 -10.49 -24.92 -26.87
C GLU D 155 -9.38 -23.88 -27.33
N LEU D 156 -8.14 -24.07 -26.93
CA LEU D 156 -7.21 -23.08 -27.26
C LEU D 156 -7.01 -23.08 -28.78
N ALA D 157 -7.06 -24.26 -29.42
CA ALA D 157 -7.06 -24.32 -30.90
C ALA D 157 -8.07 -23.38 -31.47
N GLU D 158 -9.26 -23.91 -31.68
CA GLU D 158 -10.39 -23.14 -32.14
C GLU D 158 -10.25 -21.66 -31.79
N LEU D 159 -10.23 -21.31 -30.52
CA LEU D 159 -10.12 -19.92 -30.16
C LEU D 159 -8.97 -19.06 -30.78
N TRP D 160 -7.86 -19.66 -31.10
CA TRP D 160 -6.71 -18.90 -31.50
C TRP D 160 -6.81 -18.39 -32.94
N ASN D 161 -7.65 -19.02 -33.75
CA ASN D 161 -8.00 -18.39 -35.02
C ASN D 161 -8.48 -16.96 -34.77
N TYR D 162 -9.38 -16.74 -33.81
CA TYR D 162 -9.90 -15.38 -33.57
C TYR D 162 -8.86 -14.37 -33.02
N PRO D 163 -8.45 -13.38 -33.82
CA PRO D 163 -7.24 -12.77 -33.31
C PRO D 163 -7.47 -12.03 -32.01
N ALA D 164 -8.57 -11.28 -31.82
CA ALA D 164 -8.79 -10.50 -30.56
C ALA D 164 -8.73 -11.37 -29.31
N ALA D 165 -9.06 -12.63 -29.54
CA ALA D 165 -8.94 -13.74 -28.60
C ALA D 165 -7.58 -13.85 -27.94
N ARG D 166 -6.54 -13.57 -28.64
CA ARG D 166 -5.37 -14.09 -28.06
C ARG D 166 -4.95 -13.42 -26.78
N PRO D 167 -4.98 -12.07 -26.66
CA PRO D 167 -4.62 -11.58 -25.35
C PRO D 167 -5.60 -11.89 -24.21
N ILE D 168 -6.88 -12.07 -24.42
CA ILE D 168 -7.62 -12.59 -23.21
C ILE D 168 -7.25 -13.98 -22.60
N LEU D 169 -7.17 -14.96 -23.51
CA LEU D 169 -6.62 -16.27 -23.21
C LEU D 169 -5.23 -16.12 -22.54
N GLU D 170 -4.35 -15.35 -23.18
CA GLU D 170 -3.01 -15.08 -22.68
C GLU D 170 -3.05 -14.64 -21.27
N ASP D 171 -4.25 -14.38 -20.76
CA ASP D 171 -4.43 -13.86 -19.43
C ASP D 171 -5.02 -14.80 -18.48
N ILE D 172 -5.57 -15.91 -18.93
CA ILE D 172 -6.37 -16.87 -18.07
C ILE D 172 -5.49 -18.10 -17.67
N ASP D 173 -5.59 -18.53 -16.38
CA ASP D 173 -4.68 -19.58 -15.85
C ASP D 173 -4.95 -20.82 -16.66
N GLY D 174 -4.17 -21.89 -16.55
CA GLY D 174 -4.27 -22.92 -17.61
C GLY D 174 -3.81 -22.49 -19.03
N TYR D 175 -4.40 -21.44 -19.61
CA TYR D 175 -4.10 -21.19 -21.03
C TYR D 175 -2.81 -20.51 -21.17
N ARG D 176 -2.49 -19.65 -20.23
CA ARG D 176 -1.31 -18.74 -20.38
C ARG D 176 -0.12 -19.59 -20.53
N CYS D 177 -0.24 -20.63 -19.75
CA CYS D 177 0.82 -21.55 -19.56
C CYS D 177 0.95 -22.36 -20.80
N ALA D 178 -0.15 -22.46 -21.54
CA ALA D 178 -0.24 -23.40 -22.58
C ALA D 178 0.37 -22.80 -23.87
N ILE D 179 0.11 -21.50 -24.06
CA ILE D 179 0.83 -20.65 -24.96
C ILE D 179 2.25 -20.69 -24.45
N ARG D 180 2.54 -19.99 -23.35
CA ARG D 180 3.93 -19.89 -22.88
C ARG D 180 4.73 -21.10 -23.35
N PHE D 181 4.26 -22.30 -23.07
CA PHE D 181 5.02 -23.51 -23.29
C PHE D 181 4.91 -23.97 -24.73
N ALA D 182 4.09 -23.33 -25.57
CA ALA D 182 4.26 -23.48 -27.09
C ALA D 182 5.38 -22.58 -27.73
N ARG D 183 5.30 -21.28 -27.42
CA ARG D 183 6.33 -20.36 -27.78
C ARG D 183 7.59 -20.92 -27.20
N LYS D 184 7.49 -21.74 -26.15
CA LYS D 184 8.74 -22.15 -25.54
C LYS D 184 9.42 -23.16 -26.42
N HIS D 185 8.68 -24.17 -26.81
CA HIS D 185 9.27 -25.22 -27.59
C HIS D 185 8.85 -24.98 -29.02
N ASP D 186 8.53 -23.73 -29.32
CA ASP D 186 8.30 -23.34 -30.69
C ASP D 186 7.27 -24.29 -31.26
N LEU D 187 6.18 -24.56 -30.61
CA LEU D 187 5.33 -25.20 -31.56
C LEU D 187 4.30 -24.20 -32.04
N ALA D 188 3.34 -24.71 -32.79
CA ALA D 188 2.12 -23.98 -33.02
C ALA D 188 1.02 -24.41 -32.01
N ILE D 189 0.19 -23.45 -31.65
CA ILE D 189 -0.87 -23.73 -30.79
C ILE D 189 -1.71 -24.83 -31.40
N SER D 190 -1.88 -24.85 -32.71
CA SER D 190 -2.65 -25.97 -33.26
C SER D 190 -1.97 -27.28 -33.09
N GLN D 191 -0.68 -27.28 -32.75
CA GLN D 191 0.05 -28.54 -32.71
C GLN D 191 0.30 -29.07 -31.32
N LEU D 192 -0.33 -28.45 -30.33
CA LEU D 192 -0.23 -28.87 -28.92
C LEU D 192 -1.00 -30.14 -28.71
N PRO D 193 -2.18 -30.23 -29.28
CA PRO D 193 -2.92 -31.50 -29.24
C PRO D 193 -2.04 -32.70 -29.49
N ASN D 194 -1.23 -32.65 -30.53
CA ASN D 194 -0.41 -33.81 -30.89
C ASN D 194 0.98 -33.74 -30.26
N ILE D 195 1.02 -33.73 -28.95
CA ILE D 195 2.27 -33.42 -28.34
C ILE D 195 2.96 -34.66 -27.82
N ASP D 196 3.38 -35.55 -28.72
CA ASP D 196 4.19 -36.72 -28.28
C ASP D 196 4.19 -36.97 -26.75
N ALA D 197 3.39 -37.95 -26.27
CA ALA D 197 3.19 -38.24 -24.82
C ALA D 197 4.32 -37.81 -23.81
N GLY D 198 5.59 -38.03 -24.14
CA GLY D 198 6.71 -37.46 -23.40
C GLY D 198 6.37 -36.07 -22.93
N ARG D 199 6.50 -35.08 -23.81
CA ARG D 199 6.22 -33.64 -23.50
C ARG D 199 4.82 -33.31 -22.85
N HIS D 200 3.83 -34.16 -23.09
CA HIS D 200 2.59 -33.95 -22.37
C HIS D 200 3.05 -33.57 -20.95
N VAL D 201 3.73 -34.50 -20.32
CA VAL D 201 4.18 -34.41 -18.93
C VAL D 201 4.56 -33.05 -18.37
N GLU D 202 5.39 -32.29 -19.08
CA GLU D 202 5.85 -31.02 -18.52
C GLU D 202 4.71 -30.02 -18.58
N LEU D 203 3.98 -30.04 -19.68
CA LEU D 203 2.86 -29.15 -19.86
C LEU D 203 1.81 -29.36 -18.82
N ILE D 204 1.38 -30.61 -18.71
CA ILE D 204 0.56 -31.01 -17.56
C ILE D 204 1.24 -30.56 -16.29
N GLU D 205 2.54 -30.72 -16.27
CA GLU D 205 3.17 -30.28 -15.07
C GLU D 205 3.44 -28.76 -15.04
N ALA D 206 3.23 -28.01 -16.14
CA ALA D 206 3.51 -26.60 -15.97
C ALA D 206 2.27 -26.04 -15.41
N ILE D 207 1.16 -26.29 -16.10
CA ILE D 207 -0.14 -25.76 -15.72
C ILE D 207 -0.33 -26.13 -14.30
N ALA D 208 -0.24 -27.44 -14.07
CA ALA D 208 -0.05 -28.04 -12.76
C ALA D 208 0.34 -26.96 -11.78
N ASN D 209 1.55 -26.42 -11.90
CA ASN D 209 2.00 -25.36 -11.00
C ASN D 209 1.37 -23.99 -11.18
N GLU D 210 0.87 -23.65 -12.37
CA GLU D 210 0.44 -22.29 -12.57
C GLU D 210 -0.75 -22.15 -11.63
N TYR D 211 -1.56 -23.17 -11.62
CA TYR D 211 -2.58 -23.25 -10.62
C TYR D 211 -2.13 -23.09 -9.16
N LEU D 212 -1.10 -23.85 -8.80
CA LEU D 212 -0.51 -23.78 -7.49
C LEU D 212 -0.42 -22.33 -7.08
N GLU D 213 0.26 -21.60 -7.96
CA GLU D 213 0.55 -20.19 -7.84
C GLU D 213 -0.68 -19.34 -7.67
N HIS D 214 -1.64 -19.56 -8.57
CA HIS D 214 -2.89 -18.81 -8.56
C HIS D 214 -3.51 -19.14 -7.24
N ALA D 215 -3.66 -20.41 -7.00
CA ALA D 215 -4.09 -20.90 -5.70
C ALA D 215 -3.44 -20.08 -4.60
N LEU D 216 -2.18 -19.76 -4.75
CA LEU D 216 -1.53 -19.04 -3.70
C LEU D 216 -1.89 -17.59 -3.65
N SER D 217 -2.35 -17.02 -4.72
CA SER D 217 -2.85 -15.68 -4.56
C SER D 217 -4.20 -15.75 -3.87
N GLN D 218 -4.99 -16.73 -4.27
CA GLN D 218 -6.30 -16.87 -3.69
C GLN D 218 -6.01 -16.96 -2.16
N GLU D 219 -4.91 -17.57 -1.79
CA GLU D 219 -4.76 -17.67 -0.41
C GLU D 219 -4.65 -16.29 0.25
N ARG D 220 -3.74 -15.45 -0.27
CA ARG D 220 -3.40 -14.16 0.34
C ARG D 220 -4.33 -13.00 0.00
N ASP D 221 -5.31 -13.22 -0.87
CA ASP D 221 -6.32 -12.21 -1.16
C ASP D 221 -7.80 -12.53 -0.84
N PHE D 222 -8.12 -13.71 -0.32
CA PHE D 222 -9.48 -13.93 0.07
C PHE D 222 -9.75 -13.00 1.20
N PRO D 223 -10.99 -12.89 1.61
CA PRO D 223 -11.31 -12.30 2.89
C PRO D 223 -11.81 -13.34 3.86
N GLN D 224 -11.61 -13.18 5.16
CA GLN D 224 -12.30 -14.13 6.02
C GLN D 224 -13.73 -13.69 6.14
N TRP D 225 -14.58 -14.67 6.42
CA TRP D 225 -16.00 -14.43 6.53
C TRP D 225 -16.46 -14.11 7.95
N PRO D 226 -16.92 -12.87 8.17
CA PRO D 226 -17.52 -12.47 9.42
C PRO D 226 -18.11 -13.69 10.14
#